data_4R7K
#
_entry.id   4R7K
#
_cell.length_a   67.832
_cell.length_b   70.945
_cell.length_c   86.454
_cell.angle_alpha   90.00
_cell.angle_beta   91.67
_cell.angle_gamma   90.00
#
_symmetry.space_group_name_H-M   'P 1 21 1'
#
loop_
_entity.id
_entity.type
_entity.pdbx_description
1 polymer 'Hypothetical protein jhp0584'
2 water water
#
_entity_poly.entity_id   1
_entity_poly.type   'polypeptide(L)'
_entity_poly.pdbx_seq_one_letter_code
;(MSE)HHHHHHSSGVDLGTENLYFQSNA(MSE)TT(MSE)NAIRWPKKWIPGETDNFVSNEVIVKGLDFNKVVQHLRDAS
HWEKYYKNSGNIH(MSE)YHQDNTILKDKTRF(CME)FETFGFLVEAEVEEFELKDAILRLAWRGWNEAKGDEYLEVYHA
WLVEKLDNDRVRILTQESQSGVPAKALAKSVPNA(MSE)LNGHQAWLDGLVAYSR
;
_entity_poly.pdbx_strand_id   A,B,C,D
#
# COMPACT_ATOMS: atom_id res chain seq x y z
N ALA A 24 -17.54 -1.75 35.99
CA ALA A 24 -17.33 -2.85 35.03
C ALA A 24 -16.61 -2.36 33.77
N MSE A 25 -16.08 -3.30 33.01
CA MSE A 25 -15.32 -2.96 31.83
C MSE A 25 -16.11 -3.20 30.57
O MSE A 25 -17.12 -3.88 30.59
CB MSE A 25 -14.11 -3.88 31.83
CG MSE A 25 -13.22 -3.59 33.05
SE MSE A 25 -11.66 -4.83 33.06
CE MSE A 25 -12.71 -6.46 33.47
N THR A 26 -15.67 -2.60 29.48
CA THR A 26 -16.26 -2.84 28.18
C THR A 26 -15.14 -3.57 27.44
N THR A 27 -15.41 -4.82 27.07
CA THR A 27 -14.40 -5.71 26.54
C THR A 27 -14.88 -6.52 25.34
N MSE A 28 -13.94 -7.12 24.65
N MSE A 28 -13.93 -7.10 24.62
CA MSE A 28 -14.26 -7.99 23.53
CA MSE A 28 -14.20 -7.95 23.46
C MSE A 28 -13.38 -9.20 23.66
C MSE A 28 -13.30 -9.14 23.51
O MSE A 28 -12.40 -9.16 24.38
O MSE A 28 -12.15 -9.03 23.93
CB MSE A 28 -14.00 -7.23 22.25
CB MSE A 28 -13.90 -7.19 22.18
CG MSE A 28 -15.22 -6.37 21.98
CG MSE A 28 -14.90 -6.07 21.93
SE MSE A 28 -15.04 -5.44 20.25
SE MSE A 28 -16.49 -6.70 20.96
CE MSE A 28 -15.68 -6.93 19.14
CE MSE A 28 -15.70 -6.66 19.16
N ASN A 29 -13.76 -10.29 23.03
CA ASN A 29 -12.92 -11.52 23.06
C ASN A 29 -11.55 -11.27 22.40
N ALA A 30 -10.51 -11.86 22.96
CA ALA A 30 -9.14 -11.67 22.50
C ALA A 30 -8.41 -12.97 22.33
N ILE A 31 -7.36 -12.92 21.51
CA ILE A 31 -6.51 -14.05 21.22
C ILE A 31 -5.71 -14.52 22.41
N ARG A 32 -5.63 -15.83 22.61
CA ARG A 32 -4.82 -16.41 23.72
C ARG A 32 -3.42 -16.70 23.15
N TRP A 33 -2.40 -16.00 23.63
CA TRP A 33 -1.02 -16.19 23.11
C TRP A 33 -0.14 -17.06 23.97
N PRO A 34 0.60 -18.00 23.36
CA PRO A 34 1.58 -18.69 24.16
C PRO A 34 2.60 -17.62 24.62
N LYS A 35 3.22 -17.85 25.77
CA LYS A 35 4.14 -16.90 26.39
C LYS A 35 5.20 -16.36 25.41
N LYS A 36 5.76 -17.27 24.65
CA LYS A 36 6.79 -16.99 23.67
C LYS A 36 6.40 -15.98 22.57
N TRP A 37 5.11 -15.87 22.29
CA TRP A 37 4.61 -15.07 21.18
C TRP A 37 3.87 -13.79 21.55
N ILE A 38 3.75 -13.54 22.86
CA ILE A 38 3.04 -12.35 23.38
C ILE A 38 3.42 -11.07 22.62
N PRO A 39 2.43 -10.36 22.10
CA PRO A 39 2.66 -9.15 21.36
C PRO A 39 3.49 -8.16 22.15
N GLY A 40 4.52 -7.65 21.51
CA GLY A 40 5.47 -6.74 22.13
C GLY A 40 6.69 -7.45 22.68
N GLU A 41 6.63 -8.78 22.82
CA GLU A 41 7.80 -9.55 23.31
C GLU A 41 8.58 -10.19 22.13
N THR A 42 8.14 -10.00 20.89
CA THR A 42 8.82 -10.56 19.71
C THR A 42 9.37 -9.43 18.80
N ASP A 43 9.60 -9.73 17.53
CA ASP A 43 10.28 -8.80 16.62
C ASP A 43 9.34 -8.05 15.71
N ASN A 44 8.13 -8.57 15.53
CA ASN A 44 7.11 -7.89 14.75
C ASN A 44 5.74 -8.39 15.20
N PHE A 45 4.77 -7.47 15.18
CA PHE A 45 3.41 -7.73 15.54
C PHE A 45 2.52 -7.04 14.52
N VAL A 46 1.57 -7.82 13.99
N VAL A 46 1.58 -7.78 13.95
CA VAL A 46 0.66 -7.32 12.98
CA VAL A 46 0.65 -7.15 13.03
C VAL A 46 -0.77 -7.58 13.46
C VAL A 46 -0.76 -7.56 13.40
N SER A 47 -1.68 -6.60 13.31
CA SER A 47 -3.08 -6.77 13.68
C SER A 47 -4.00 -6.20 12.60
N ASN A 48 -4.95 -7.03 12.19
CA ASN A 48 -5.97 -6.65 11.25
C ASN A 48 -7.34 -7.15 11.74
N GLU A 49 -8.40 -6.42 11.40
CA GLU A 49 -9.71 -6.76 11.83
C GLU A 49 -10.79 -6.15 10.91
N VAL A 50 -11.81 -6.94 10.63
CA VAL A 50 -13.01 -6.51 9.91
C VAL A 50 -14.23 -6.88 10.73
N ILE A 51 -15.31 -6.12 10.55
CA ILE A 51 -16.58 -6.43 11.20
C ILE A 51 -17.55 -6.15 10.12
N VAL A 52 -18.28 -7.19 9.74
CA VAL A 52 -19.18 -7.13 8.61
C VAL A 52 -20.59 -7.64 8.92
N LYS A 53 -21.55 -6.90 8.39
CA LYS A 53 -22.98 -7.15 8.60
C LYS A 53 -23.50 -8.15 7.59
N GLY A 54 -24.34 -9.09 8.04
CA GLY A 54 -24.98 -10.06 7.15
C GLY A 54 -24.11 -11.21 6.64
N LEU A 55 -22.90 -11.30 7.18
CA LEU A 55 -21.94 -12.35 6.82
C LEU A 55 -22.25 -13.58 7.67
N ASP A 56 -22.22 -14.78 7.07
CA ASP A 56 -22.51 -16.00 7.80
C ASP A 56 -21.27 -16.57 8.52
N PHE A 57 -21.36 -16.71 9.83
CA PHE A 57 -20.26 -17.26 10.63
C PHE A 57 -19.78 -18.60 10.09
N ASN A 58 -20.69 -19.55 9.92
CA ASN A 58 -20.30 -20.89 9.45
C ASN A 58 -19.53 -20.88 8.14
N LYS A 59 -19.97 -20.04 7.22
CA LYS A 59 -19.32 -19.95 5.92
C LYS A 59 -17.91 -19.40 6.04
N VAL A 60 -17.73 -18.42 6.89
CA VAL A 60 -16.41 -17.84 7.09
C VAL A 60 -15.46 -18.88 7.67
N VAL A 61 -15.94 -19.62 8.68
CA VAL A 61 -15.11 -20.65 9.30
C VAL A 61 -14.71 -21.70 8.24
N GLN A 62 -15.66 -22.09 7.41
CA GLN A 62 -15.38 -23.05 6.39
C GLN A 62 -14.32 -22.56 5.46
N HIS A 63 -14.42 -21.30 5.03
CA HIS A 63 -13.45 -20.79 4.05
C HIS A 63 -12.10 -20.45 4.63
N LEU A 64 -12.02 -20.34 5.94
CA LEU A 64 -10.75 -20.12 6.61
C LEU A 64 -10.12 -21.47 6.94
N ARG A 65 -10.88 -22.37 7.56
CA ARG A 65 -10.37 -23.72 7.89
C ARG A 65 -10.03 -24.60 6.68
N ASP A 66 -10.83 -24.53 5.62
CA ASP A 66 -10.53 -25.36 4.46
C ASP A 66 -9.57 -24.58 3.57
N ALA A 67 -8.30 -24.84 3.78
CA ALA A 67 -7.23 -24.13 3.09
C ALA A 67 -7.26 -24.25 1.58
N SER A 68 -8.03 -25.18 1.03
CA SER A 68 -8.15 -25.28 -0.44
C SER A 68 -8.81 -24.02 -1.02
N HIS A 69 -9.56 -23.27 -0.21
CA HIS A 69 -10.20 -22.03 -0.68
C HIS A 69 -9.28 -20.80 -0.74
N TRP A 70 -8.21 -20.83 0.05
CA TRP A 70 -7.29 -19.69 0.19
C TRP A 70 -6.83 -19.12 -1.14
N GLU A 71 -6.36 -19.99 -1.99
CA GLU A 71 -5.83 -19.58 -3.30
C GLU A 71 -6.89 -18.91 -4.16
N LYS A 72 -8.14 -19.26 -3.92
CA LYS A 72 -9.23 -18.75 -4.73
C LYS A 72 -9.64 -17.35 -4.32
N TYR A 73 -9.36 -16.92 -3.09
CA TYR A 73 -9.78 -15.60 -2.67
C TYR A 73 -8.68 -14.70 -2.13
N TYR A 74 -7.51 -15.25 -1.85
CA TYR A 74 -6.40 -14.48 -1.30
C TYR A 74 -5.25 -14.65 -2.25
N LYS A 75 -5.06 -13.63 -3.09
CA LYS A 75 -4.12 -13.74 -4.21
C LYS A 75 -2.66 -13.75 -3.87
N ASN A 76 -2.31 -13.50 -2.60
N ASN A 76 -2.34 -13.52 -2.60
CA ASN A 76 -0.90 -13.62 -2.14
CA ASN A 76 -0.97 -13.56 -2.14
C ASN A 76 -0.53 -15.04 -1.75
C ASN A 76 -0.63 -14.95 -1.55
N SER A 77 -1.49 -15.94 -1.82
CA SER A 77 -1.24 -17.33 -1.42
C SER A 77 -1.30 -18.20 -2.67
N GLY A 78 -0.52 -19.27 -2.65
CA GLY A 78 -0.42 -20.20 -3.80
C GLY A 78 -0.83 -21.59 -3.35
N ASN A 79 -0.03 -22.57 -3.74
CA ASN A 79 -0.27 -23.98 -3.41
C ASN A 79 -0.18 -24.29 -1.93
N ILE A 80 -0.92 -25.32 -1.53
CA ILE A 80 -0.95 -25.80 -0.15
C ILE A 80 -0.75 -27.31 -0.15
N HIS A 81 -0.39 -27.86 1.00
CA HIS A 81 -0.16 -29.30 1.14
C HIS A 81 -0.30 -29.75 2.59
N MSE A 82 -1.17 -30.74 2.83
CA MSE A 82 -1.36 -31.32 4.17
C MSE A 82 -0.55 -32.59 4.14
O MSE A 82 -0.75 -33.46 3.30
CB MSE A 82 -2.85 -31.47 4.54
CG MSE A 82 -3.42 -30.27 5.36
SE MSE A 82 -3.69 -28.79 4.13
CE MSE A 82 -4.11 -27.31 5.37
N TYR A 83 0.41 -32.71 5.06
CA TYR A 83 1.31 -33.85 5.09
C TYR A 83 0.71 -35.19 5.50
N HIS A 84 -0.28 -35.19 6.40
CA HIS A 84 -0.79 -36.48 6.89
C HIS A 84 -2.30 -36.57 6.99
N GLN A 85 -2.99 -35.82 6.14
CA GLN A 85 -4.44 -35.82 6.13
C GLN A 85 -4.83 -36.01 4.72
N ASP A 86 -5.97 -36.64 4.53
CA ASP A 86 -6.50 -36.88 3.20
C ASP A 86 -7.42 -35.76 2.78
N ASN A 87 -7.35 -34.63 3.49
CA ASN A 87 -8.20 -33.51 3.21
C ASN A 87 -7.47 -32.21 3.53
N THR A 88 -8.09 -31.09 3.23
CA THR A 88 -7.45 -29.80 3.45
C THR A 88 -8.09 -28.97 4.58
N ILE A 89 -8.74 -29.66 5.52
CA ILE A 89 -9.40 -29.00 6.63
C ILE A 89 -8.45 -28.95 7.84
N LEU A 90 -8.03 -27.74 8.20
CA LEU A 90 -7.19 -27.53 9.39
C LEU A 90 -7.94 -27.92 10.68
N LYS A 91 -7.27 -28.71 11.51
CA LYS A 91 -7.79 -29.07 12.85
C LYS A 91 -6.58 -29.03 13.80
N ASP A 92 -6.79 -29.29 15.06
CA ASP A 92 -5.67 -29.22 16.00
C ASP A 92 -4.52 -30.12 15.50
N LYS A 93 -3.30 -29.59 15.61
CA LYS A 93 -2.07 -30.29 15.17
C LYS A 93 -1.90 -30.57 13.68
N THR A 94 -2.81 -30.12 12.82
CA THR A 94 -2.60 -30.33 11.40
C THR A 94 -1.23 -29.78 10.98
N ARG A 95 -0.45 -30.64 10.33
CA ARG A 95 0.84 -30.25 9.77
C ARG A 95 0.67 -29.96 8.26
N PHE A 96 1.12 -28.78 7.82
CA PHE A 96 0.95 -28.40 6.43
C PHE A 96 1.97 -27.39 5.98
N CME A 97 1.92 -27.05 4.70
CA CME A 97 2.77 -26.01 4.15
CB CME A 97 4.07 -26.58 3.60
SG CME A 97 3.87 -27.54 2.13
SD CME A 97 4.21 -25.96 0.92
CE CME A 97 4.28 -26.71 -0.68
CZ CME A 97 3.41 -25.92 -1.65
OH CME A 97 3.04 -26.77 -2.74
C CME A 97 1.97 -25.25 3.12
O CME A 97 1.03 -25.78 2.54
N PHE A 98 2.28 -23.96 2.97
CA PHE A 98 1.60 -23.14 1.98
C PHE A 98 2.55 -22.08 1.46
N GLU A 99 2.23 -21.55 0.28
CA GLU A 99 3.03 -20.55 -0.37
C GLU A 99 2.39 -19.21 -0.13
N THR A 100 3.18 -18.22 0.26
CA THR A 100 2.68 -16.86 0.40
C THR A 100 3.81 -15.87 0.08
N PHE A 101 3.47 -14.77 -0.62
CA PHE A 101 4.49 -13.80 -1.08
C PHE A 101 5.57 -14.52 -1.85
N GLY A 102 5.21 -15.62 -2.52
CA GLY A 102 6.16 -16.44 -3.25
C GLY A 102 7.03 -17.37 -2.41
N PHE A 103 7.03 -17.25 -1.08
CA PHE A 103 7.88 -18.15 -0.28
C PHE A 103 7.08 -19.26 0.42
N LEU A 104 7.75 -20.40 0.58
CA LEU A 104 7.16 -21.58 1.21
C LEU A 104 7.19 -21.47 2.73
N VAL A 105 6.05 -21.71 3.34
CA VAL A 105 5.93 -21.64 4.78
C VAL A 105 5.48 -23.01 5.27
N GLU A 106 6.28 -23.60 6.16
CA GLU A 106 5.95 -24.84 6.83
C GLU A 106 5.11 -24.44 8.03
N ALA A 107 4.09 -25.22 8.40
CA ALA A 107 3.24 -24.80 9.52
C ALA A 107 2.62 -25.96 10.26
N GLU A 108 2.16 -25.65 11.47
CA GLU A 108 1.50 -26.63 12.32
C GLU A 108 0.46 -25.92 13.18
N VAL A 109 -0.78 -26.38 13.12
CA VAL A 109 -1.85 -25.80 13.93
C VAL A 109 -1.57 -26.09 15.39
N GLU A 110 -1.58 -25.02 16.21
CA GLU A 110 -1.33 -25.11 17.63
C GLU A 110 -2.58 -24.80 18.49
N GLU A 111 -3.62 -24.29 17.85
CA GLU A 111 -4.85 -23.96 18.57
C GLU A 111 -6.02 -24.13 17.67
N PHE A 112 -7.02 -24.87 18.14
CA PHE A 112 -8.24 -25.04 17.39
C PHE A 112 -9.40 -25.27 18.37
N GLU A 113 -10.29 -24.31 18.45
CA GLU A 113 -11.45 -24.41 19.31
C GLU A 113 -12.62 -23.77 18.56
N LEU A 114 -13.58 -24.61 18.16
CA LEU A 114 -14.72 -24.13 17.40
C LEU A 114 -15.99 -24.35 18.20
N LYS A 115 -16.67 -23.26 18.49
CA LYS A 115 -17.94 -23.26 19.23
C LYS A 115 -19.02 -22.72 18.29
N ASP A 116 -20.28 -22.77 18.73
CA ASP A 116 -21.40 -22.28 17.91
C ASP A 116 -21.22 -20.84 17.43
N ALA A 117 -20.55 -20.01 18.21
CA ALA A 117 -20.43 -18.60 17.84
C ALA A 117 -19.03 -18.00 17.86
N ILE A 118 -18.01 -18.82 18.01
CA ILE A 118 -16.65 -18.34 18.04
C ILE A 118 -15.65 -19.43 17.66
N LEU A 119 -14.70 -19.04 16.81
CA LEU A 119 -13.63 -19.88 16.39
C LEU A 119 -12.33 -19.24 16.83
N ARG A 120 -11.48 -20.05 17.43
CA ARG A 120 -10.10 -19.69 17.71
C ARG A 120 -9.21 -20.67 16.97
N LEU A 121 -8.36 -20.14 16.11
CA LEU A 121 -7.51 -20.97 15.29
C LEU A 121 -6.13 -20.32 15.18
N ALA A 122 -5.07 -21.08 15.39
CA ALA A 122 -3.74 -20.52 15.23
C ALA A 122 -2.75 -21.57 14.78
N TRP A 123 -1.77 -21.14 13.99
CA TRP A 123 -0.67 -22.00 13.59
C TRP A 123 0.68 -21.32 13.77
N ARG A 124 1.68 -22.15 14.05
CA ARG A 124 3.06 -21.73 14.10
C ARG A 124 3.57 -21.97 12.70
N GLY A 125 4.34 -21.04 12.17
CA GLY A 125 4.89 -21.17 10.84
C GLY A 125 6.36 -20.88 10.87
N TRP A 126 7.10 -21.45 9.93
CA TRP A 126 8.54 -21.27 9.85
C TRP A 126 9.05 -21.57 8.46
N ASN A 127 10.26 -21.12 8.20
CA ASN A 127 10.92 -21.44 6.93
C ASN A 127 12.04 -22.40 7.24
N GLU A 128 12.63 -22.97 6.19
CA GLU A 128 13.73 -23.94 6.32
C GLU A 128 15.11 -23.26 6.29
N ALA A 129 15.16 -21.94 6.41
CA ALA A 129 16.41 -21.21 6.32
C ALA A 129 17.23 -21.24 7.61
N LYS A 130 18.46 -20.79 7.51
CA LYS A 130 19.38 -20.75 8.65
C LYS A 130 19.91 -19.32 8.86
N GLY A 131 20.54 -19.12 10.02
CA GLY A 131 21.17 -17.84 10.36
C GLY A 131 20.22 -16.67 10.37
N ASP A 132 20.61 -15.58 9.71
CA ASP A 132 19.77 -14.38 9.69
C ASP A 132 18.55 -14.47 8.77
N GLU A 133 18.40 -15.59 8.06
N GLU A 133 18.39 -15.56 8.02
CA GLU A 133 17.27 -15.79 7.16
CA GLU A 133 17.20 -15.71 7.18
C GLU A 133 16.13 -16.59 7.82
C GLU A 133 16.10 -16.57 7.82
N TYR A 134 16.38 -17.12 9.00
CA TYR A 134 15.38 -17.91 9.70
C TYR A 134 14.27 -17.03 10.27
N LEU A 135 13.03 -17.40 9.99
CA LEU A 135 11.83 -16.67 10.44
C LEU A 135 10.85 -17.65 11.04
N GLU A 136 10.33 -17.35 12.22
CA GLU A 136 9.33 -18.20 12.86
C GLU A 136 8.21 -17.29 13.27
N VAL A 137 6.96 -17.70 13.01
CA VAL A 137 5.78 -16.89 13.33
C VAL A 137 4.66 -17.69 14.04
N TYR A 138 3.73 -16.98 14.65
CA TYR A 138 2.53 -17.56 15.26
C TYR A 138 1.39 -16.71 14.74
N HIS A 139 0.54 -17.27 13.89
CA HIS A 139 -0.53 -16.52 13.25
C HIS A 139 -1.87 -17.01 13.81
N ALA A 140 -2.58 -16.11 14.47
CA ALA A 140 -3.79 -16.47 15.17
C ALA A 140 -4.98 -15.77 14.56
N TRP A 141 -6.12 -16.42 14.72
CA TRP A 141 -7.36 -15.95 14.19
C TRP A 141 -8.44 -16.11 15.21
N LEU A 142 -9.36 -15.16 15.19
CA LEU A 142 -10.55 -15.20 16.02
C LEU A 142 -11.71 -14.72 15.17
N VAL A 143 -12.66 -15.63 14.93
CA VAL A 143 -13.86 -15.34 14.14
C VAL A 143 -15.03 -15.48 15.11
N GLU A 144 -15.89 -14.46 15.21
CA GLU A 144 -17.03 -14.52 16.10
C GLU A 144 -18.26 -13.78 15.64
N LYS A 145 -19.39 -14.31 16.08
CA LYS A 145 -20.67 -13.68 15.86
C LYS A 145 -20.85 -12.53 16.86
N LEU A 146 -21.32 -11.39 16.37
CA LEU A 146 -21.56 -10.22 17.20
C LEU A 146 -23.05 -9.90 17.09
N ASP A 147 -23.56 -9.10 18.02
CA ASP A 147 -24.99 -8.72 18.01
C ASP A 147 -25.45 -8.14 16.70
N ASN A 148 -26.71 -8.43 16.39
N ASN A 148 -26.72 -8.38 16.39
CA ASN A 148 -27.40 -7.91 15.23
CA ASN A 148 -27.35 -7.84 15.18
C ASN A 148 -26.80 -8.32 13.88
C ASN A 148 -26.75 -8.31 13.86
N ASP A 149 -26.55 -9.61 13.71
CA ASP A 149 -26.12 -10.18 12.45
C ASP A 149 -24.81 -9.69 11.85
N ARG A 150 -23.79 -9.50 12.68
CA ARG A 150 -22.48 -9.08 12.22
C ARG A 150 -21.46 -10.15 12.61
N VAL A 151 -20.41 -10.28 11.82
CA VAL A 151 -19.35 -11.22 12.11
C VAL A 151 -18.05 -10.44 12.16
N ARG A 152 -17.26 -10.70 13.21
CA ARG A 152 -15.95 -10.15 13.38
C ARG A 152 -14.87 -11.17 13.01
N ILE A 153 -13.88 -10.71 12.25
CA ILE A 153 -12.72 -11.51 11.91
C ILE A 153 -11.47 -10.74 12.36
N LEU A 154 -10.79 -11.28 13.34
CA LEU A 154 -9.58 -10.69 13.88
C LEU A 154 -8.46 -11.62 13.57
N THR A 155 -7.40 -11.09 12.94
CA THR A 155 -6.22 -11.87 12.72
C THR A 155 -4.96 -11.08 13.17
N GLN A 156 -4.11 -11.78 13.92
CA GLN A 156 -2.92 -11.20 14.49
C GLN A 156 -1.79 -12.16 14.36
N GLU A 157 -0.60 -11.63 14.05
CA GLU A 157 0.58 -12.46 13.89
C GLU A 157 1.76 -11.84 14.65
N SER A 158 2.49 -12.72 15.31
CA SER A 158 3.69 -12.37 16.08
C SER A 158 4.82 -13.11 15.39
N GLN A 159 5.94 -12.44 15.16
CA GLN A 159 7.04 -12.96 14.40
C GLN A 159 8.38 -12.79 15.13
N SER A 160 9.24 -13.79 14.99
CA SER A 160 10.56 -13.76 15.59
C SER A 160 11.65 -14.12 14.56
N GLY A 161 12.77 -13.40 14.65
CA GLY A 161 13.90 -13.65 13.76
C GLY A 161 14.35 -12.35 13.15
N VAL A 162 15.54 -12.39 12.55
CA VAL A 162 16.11 -11.19 11.94
C VAL A 162 15.25 -10.66 10.80
N PRO A 163 14.62 -11.53 10.00
CA PRO A 163 13.77 -10.97 8.95
C PRO A 163 12.53 -10.23 9.49
N ALA A 164 12.05 -10.63 10.67
CA ALA A 164 10.90 -9.98 11.28
C ALA A 164 11.27 -8.58 11.72
N LYS A 165 12.50 -8.40 12.20
CA LYS A 165 12.94 -7.08 12.54
C LYS A 165 12.89 -6.18 11.28
N ALA A 166 13.28 -6.72 10.14
CA ALA A 166 13.22 -5.97 8.89
C ALA A 166 11.77 -5.69 8.48
N LEU A 167 10.91 -6.71 8.61
CA LEU A 167 9.52 -6.53 8.22
C LEU A 167 8.84 -5.49 9.08
N ALA A 168 9.26 -5.39 10.34
CA ALA A 168 8.74 -4.39 11.26
C ALA A 168 8.96 -2.95 10.77
N LYS A 169 10.10 -2.67 10.14
CA LYS A 169 10.34 -1.32 9.64
C LYS A 169 10.01 -1.10 8.17
N SER A 170 9.45 -2.10 7.51
CA SER A 170 9.12 -2.00 6.10
C SER A 170 8.14 -0.88 5.79
N VAL A 171 8.37 -0.22 4.65
CA VAL A 171 7.50 0.84 4.18
C VAL A 171 7.13 0.60 2.72
N PRO A 172 5.81 0.43 2.45
CA PRO A 172 4.72 0.37 3.42
C PRO A 172 4.77 -0.93 4.22
N ASN A 173 3.88 -1.10 5.18
CA ASN A 173 3.91 -2.31 5.98
C ASN A 173 3.33 -3.47 5.18
N ALA A 174 4.23 -4.32 4.69
CA ALA A 174 3.87 -5.44 3.82
C ALA A 174 2.89 -6.43 4.46
N MSE A 175 3.20 -6.84 5.68
CA MSE A 175 2.37 -7.75 6.43
C MSE A 175 1.00 -7.20 6.69
O MSE A 175 -0.01 -7.92 6.55
CB MSE A 175 3.02 -8.04 7.78
CG MSE A 175 4.34 -8.78 7.72
SE MSE A 175 4.17 -10.51 6.77
CE MSE A 175 2.79 -11.26 7.98
N LEU A 176 0.92 -5.93 7.11
CA LEU A 176 -0.38 -5.30 7.37
C LEU A 176 -1.33 -5.31 6.13
N ASN A 177 -0.77 -4.95 4.98
CA ASN A 177 -1.52 -4.86 3.78
C ASN A 177 -1.86 -6.24 3.22
N GLY A 178 -0.94 -7.20 3.34
CA GLY A 178 -1.20 -8.57 2.92
C GLY A 178 -2.31 -9.20 3.75
N HIS A 179 -2.24 -9.04 5.05
CA HIS A 179 -3.27 -9.61 5.91
C HIS A 179 -4.62 -8.96 5.71
N GLN A 180 -4.61 -7.66 5.41
CA GLN A 180 -5.87 -6.99 5.12
C GLN A 180 -6.48 -7.61 3.88
N ALA A 181 -5.63 -7.91 2.90
CA ALA A 181 -6.11 -8.54 1.66
C ALA A 181 -6.71 -9.93 1.94
N TRP A 182 -6.13 -10.65 2.91
CA TRP A 182 -6.62 -11.97 3.29
C TRP A 182 -8.02 -11.80 3.84
N LEU A 183 -8.19 -10.85 4.78
CA LEU A 183 -9.51 -10.61 5.36
C LEU A 183 -10.53 -10.12 4.34
N ASP A 184 -10.13 -9.19 3.45
CA ASP A 184 -11.09 -8.66 2.49
C ASP A 184 -11.51 -9.77 1.53
N GLY A 185 -10.57 -10.64 1.17
CA GLY A 185 -10.86 -11.73 0.29
C GLY A 185 -11.80 -12.75 0.94
N LEU A 186 -11.51 -13.08 2.17
CA LEU A 186 -12.34 -14.02 2.95
C LEU A 186 -13.79 -13.53 3.04
N VAL A 187 -13.93 -12.23 3.29
CA VAL A 187 -15.23 -11.59 3.32
C VAL A 187 -15.94 -11.66 1.96
N ALA A 188 -15.25 -11.23 0.92
CA ALA A 188 -15.82 -11.20 -0.45
C ALA A 188 -16.26 -12.59 -0.90
N TYR A 189 -15.43 -13.57 -0.61
CA TYR A 189 -15.71 -14.94 -0.99
C TYR A 189 -16.80 -15.59 -0.15
N SER A 190 -17.07 -15.07 1.04
CA SER A 190 -18.08 -15.66 1.94
C SER A 190 -19.45 -15.02 1.82
N ARG A 191 -19.53 -13.86 1.18
CA ARG A 191 -20.80 -13.14 0.99
C ARG A 191 -21.76 -13.88 0.07
N ALA B 24 8.67 12.88 -37.09
CA ALA B 24 9.54 12.59 -35.93
C ALA B 24 8.71 12.13 -34.74
N MSE B 25 9.37 11.59 -33.76
CA MSE B 25 8.71 11.01 -32.63
C MSE B 25 9.01 11.81 -31.39
O MSE B 25 10.00 12.54 -31.37
CB MSE B 25 9.33 9.63 -32.53
CG MSE B 25 9.14 8.77 -33.78
SE MSE B 25 9.71 6.94 -33.34
CE MSE B 25 11.54 7.30 -34.00
N THR B 26 8.17 11.67 -30.38
CA THR B 26 8.39 12.30 -29.09
C THR B 26 8.81 11.14 -28.20
N THR B 27 10.07 11.15 -27.77
CA THR B 27 10.59 10.03 -27.00
C THR B 27 11.41 10.46 -25.80
N MSE B 28 11.77 9.50 -24.98
N MSE B 28 11.77 9.49 -24.97
CA MSE B 28 12.65 9.75 -23.85
CA MSE B 28 12.62 9.71 -23.81
C MSE B 28 13.59 8.56 -23.73
C MSE B 28 13.58 8.55 -23.71
O MSE B 28 13.28 7.47 -24.21
O MSE B 28 13.27 7.46 -24.20
CB MSE B 28 11.82 9.91 -22.58
CB MSE B 28 11.79 9.72 -22.52
CG MSE B 28 11.21 11.30 -22.50
CG MSE B 28 10.79 10.86 -22.46
SE MSE B 28 10.24 11.43 -20.79
SE MSE B 28 11.66 12.49 -21.79
CE MSE B 28 11.86 11.70 -19.70
CE MSE B 28 11.36 12.18 -19.87
N ASN B 29 14.74 8.77 -23.09
CA ASN B 29 15.71 7.69 -22.88
C ASN B 29 15.07 6.53 -22.13
N ALA B 30 15.42 5.33 -22.58
CA ALA B 30 14.85 4.12 -22.06
C ALA B 30 15.95 3.10 -21.68
N ILE B 31 15.60 2.19 -20.80
CA ILE B 31 16.55 1.16 -20.33
C ILE B 31 16.88 0.16 -21.43
N ARG B 32 18.16 -0.27 -21.47
CA ARG B 32 18.61 -1.30 -22.42
C ARG B 32 18.52 -2.64 -21.75
N TRP B 33 17.57 -3.46 -22.17
CA TRP B 33 17.37 -4.78 -21.55
C TRP B 33 18.11 -5.92 -22.29
N PRO B 34 18.87 -6.74 -21.54
CA PRO B 34 19.37 -7.93 -22.22
C PRO B 34 18.14 -8.74 -22.69
N LYS B 35 18.31 -9.51 -23.73
CA LYS B 35 17.23 -10.24 -24.34
C LYS B 35 16.40 -11.10 -23.38
N LYS B 36 17.04 -11.75 -22.43
CA LYS B 36 16.31 -12.62 -21.53
C LYS B 36 15.43 -11.90 -20.51
N TRP B 37 15.62 -10.60 -20.35
CA TRP B 37 14.88 -9.82 -19.36
C TRP B 37 13.86 -8.85 -19.96
N ILE B 38 13.71 -8.90 -21.28
CA ILE B 38 12.80 -7.96 -21.93
C ILE B 38 11.41 -7.98 -21.22
N PRO B 39 10.89 -6.81 -20.85
CA PRO B 39 9.58 -6.71 -20.20
C PRO B 39 8.51 -7.36 -21.04
N GLY B 40 7.67 -8.16 -20.39
CA GLY B 40 6.63 -8.89 -21.05
C GLY B 40 7.08 -10.28 -21.43
N GLU B 41 8.39 -10.57 -21.38
CA GLU B 41 8.93 -11.88 -21.69
C GLU B 41 9.34 -12.66 -20.42
N THR B 42 9.16 -12.08 -19.24
CA THR B 42 9.50 -12.77 -17.98
C THR B 42 8.23 -13.00 -17.16
N ASP B 43 8.38 -13.26 -15.86
CA ASP B 43 7.28 -13.56 -14.99
C ASP B 43 6.69 -12.37 -14.25
N ASN B 44 7.47 -11.31 -14.08
CA ASN B 44 6.97 -10.10 -13.44
C ASN B 44 7.76 -8.90 -13.94
N PHE B 45 7.10 -7.77 -14.01
CA PHE B 45 7.71 -6.51 -14.46
C PHE B 45 7.14 -5.38 -13.64
N VAL B 46 8.02 -4.57 -13.07
CA VAL B 46 7.59 -3.44 -12.24
C VAL B 46 8.29 -2.18 -12.73
N SER B 47 7.56 -1.07 -12.81
CA SER B 47 8.11 0.19 -13.31
C SER B 47 7.78 1.30 -12.32
N ASN B 48 8.75 2.12 -11.95
CA ASN B 48 8.50 3.27 -11.08
C ASN B 48 9.31 4.43 -11.61
N GLU B 49 8.81 5.64 -11.43
CA GLU B 49 9.47 6.80 -11.97
C GLU B 49 9.11 8.03 -11.20
N VAL B 50 10.11 8.87 -10.91
CA VAL B 50 9.87 10.21 -10.34
C VAL B 50 10.59 11.26 -11.20
N ILE B 51 10.04 12.46 -11.25
CA ILE B 51 10.69 13.60 -11.96
C ILE B 51 10.58 14.73 -10.96
N VAL B 52 11.72 15.24 -10.51
CA VAL B 52 11.79 16.21 -9.45
C VAL B 52 12.62 17.47 -9.76
N LYS B 53 12.01 18.62 -9.48
CA LYS B 53 12.59 19.94 -9.69
C LYS B 53 13.62 20.28 -8.60
N GLY B 54 14.77 20.80 -9.00
CA GLY B 54 15.78 21.24 -8.03
C GLY B 54 16.62 20.15 -7.39
N LEU B 55 16.46 18.92 -7.85
CA LEU B 55 17.21 17.80 -7.31
C LEU B 55 18.63 17.76 -7.91
N ASP B 56 19.65 17.56 -7.08
CA ASP B 56 21.02 17.54 -7.58
C ASP B 56 21.37 16.17 -8.21
N PHE B 57 21.64 16.18 -9.52
CA PHE B 57 21.99 14.94 -10.25
C PHE B 57 23.11 14.18 -9.56
N ASN B 58 24.20 14.88 -9.25
CA ASN B 58 25.36 14.22 -8.64
C ASN B 58 25.10 13.57 -7.29
N LYS B 59 24.31 14.21 -6.44
CA LYS B 59 23.96 13.61 -5.17
C LYS B 59 23.12 12.34 -5.39
N VAL B 60 22.16 12.40 -6.31
CA VAL B 60 21.34 11.23 -6.58
C VAL B 60 22.23 10.09 -7.05
N VAL B 61 23.08 10.38 -8.02
CA VAL B 61 23.98 9.38 -8.51
C VAL B 61 24.80 8.78 -7.37
N GLN B 62 25.29 9.65 -6.50
CA GLN B 62 26.12 9.23 -5.40
C GLN B 62 25.40 8.34 -4.39
N HIS B 63 24.12 8.65 -4.14
CA HIS B 63 23.33 7.93 -3.16
C HIS B 63 22.73 6.63 -3.69
N LEU B 64 22.66 6.50 -5.02
CA LEU B 64 22.27 5.26 -5.62
C LEU B 64 23.50 4.30 -5.70
N ARG B 65 24.64 4.77 -6.21
CA ARG B 65 25.83 3.94 -6.41
C ARG B 65 26.51 3.43 -5.18
N ASP B 66 26.60 4.28 -4.18
CA ASP B 66 27.22 3.91 -2.96
C ASP B 66 26.14 3.26 -2.12
N ALA B 67 26.19 1.95 -2.10
CA ALA B 67 25.20 1.14 -1.45
C ALA B 67 25.12 1.30 0.05
N SER B 68 26.14 1.89 0.68
N SER B 68 26.14 1.89 0.67
CA SER B 68 26.11 2.08 2.13
CA SER B 68 26.13 2.11 2.11
C SER B 68 25.03 3.09 2.52
C SER B 68 25.01 3.08 2.50
N HIS B 69 24.54 3.89 1.57
CA HIS B 69 23.49 4.87 1.88
C HIS B 69 22.09 4.25 1.90
N TRP B 70 21.90 3.13 1.19
CA TRP B 70 20.55 2.60 1.01
C TRP B 70 19.84 2.37 2.33
N GLU B 71 20.53 1.77 3.30
CA GLU B 71 19.91 1.50 4.57
C GLU B 71 19.45 2.78 5.25
N LYS B 72 20.13 3.89 4.98
CA LYS B 72 19.82 5.17 5.63
C LYS B 72 18.56 5.82 5.10
N TYR B 73 18.25 5.63 3.84
CA TYR B 73 17.04 6.27 3.27
C TYR B 73 15.97 5.32 2.79
N TYR B 74 16.28 4.04 2.61
CA TYR B 74 15.28 3.06 2.13
C TYR B 74 15.14 1.99 3.20
N LYS B 75 14.09 2.11 4.00
CA LYS B 75 13.92 1.24 5.17
C LYS B 75 13.59 -0.22 4.90
N ASN B 76 13.36 -0.60 3.63
CA ASN B 76 13.14 -2.01 3.26
C ASN B 76 14.46 -2.70 2.96
N SER B 77 15.57 -2.02 3.18
CA SER B 77 16.88 -2.62 2.89
C SER B 77 17.69 -2.64 4.17
N GLY B 78 18.69 -3.52 4.20
CA GLY B 78 19.50 -3.68 5.40
C GLY B 78 20.98 -3.74 5.09
N ASN B 79 21.65 -4.74 5.67
CA ASN B 79 23.10 -4.93 5.48
C ASN B 79 23.51 -5.21 4.06
N ILE B 80 24.73 -4.80 3.73
CA ILE B 80 25.34 -5.04 2.43
C ILE B 80 26.78 -5.61 2.58
N HIS B 81 27.29 -6.18 1.51
CA HIS B 81 28.66 -6.66 1.46
C HIS B 81 29.16 -6.69 0.01
N MSE B 82 30.33 -6.10 -0.24
CA MSE B 82 30.97 -6.09 -1.56
C MSE B 82 32.06 -7.15 -1.40
O MSE B 82 32.99 -6.99 -0.61
CB MSE B 82 31.51 -4.71 -1.97
CG MSE B 82 30.52 -3.79 -2.73
SE MSE B 82 28.93 -3.54 -1.60
CE MSE B 82 27.81 -2.69 -2.97
N TYR B 83 31.97 -8.23 -2.15
CA TYR B 83 32.96 -9.33 -2.00
C TYR B 83 34.40 -9.05 -2.41
N HIS B 84 34.60 -8.21 -3.42
CA HIS B 84 35.93 -7.96 -3.93
C HIS B 84 36.35 -6.50 -4.03
N GLN B 85 35.77 -5.67 -3.18
CA GLN B 85 36.08 -4.25 -3.17
C GLN B 85 36.28 -3.80 -1.76
N ASP B 86 37.12 -2.79 -1.58
CA ASP B 86 37.37 -2.20 -0.27
C ASP B 86 36.45 -0.97 -0.03
N ASN B 87 35.42 -0.83 -0.85
CA ASN B 87 34.47 0.28 -0.72
C ASN B 87 33.09 -0.24 -1.12
N THR B 88 32.06 0.58 -0.97
CA THR B 88 30.68 0.16 -1.27
C THR B 88 30.08 0.84 -2.49
N ILE B 89 30.95 1.28 -3.39
CA ILE B 89 30.53 1.94 -4.60
C ILE B 89 30.39 0.96 -5.74
N LEU B 90 29.20 0.93 -6.32
CA LEU B 90 28.90 0.07 -7.44
C LEU B 90 29.56 0.60 -8.71
N LYS B 91 30.18 -0.31 -9.46
CA LYS B 91 30.75 0.01 -10.77
C LYS B 91 30.52 -1.24 -11.61
N ASP B 92 30.95 -1.25 -12.87
CA ASP B 92 30.68 -2.44 -13.68
C ASP B 92 31.30 -3.69 -13.01
N LYS B 93 30.54 -4.79 -13.05
CA LYS B 93 30.92 -6.08 -12.52
C LYS B 93 31.05 -6.24 -11.02
N THR B 94 30.65 -5.23 -10.25
CA THR B 94 30.66 -5.36 -8.81
C THR B 94 29.79 -6.52 -8.37
N ARG B 95 30.38 -7.44 -7.61
CA ARG B 95 29.68 -8.59 -7.04
C ARG B 95 29.40 -8.25 -5.58
N PHE B 96 28.14 -8.30 -5.17
CA PHE B 96 27.75 -7.87 -3.81
C PHE B 96 26.50 -8.57 -3.37
N CME B 97 26.16 -8.41 -2.10
CA CME B 97 24.89 -8.92 -1.59
CB CME B 97 25.03 -10.28 -0.88
SG CME B 97 26.06 -10.22 0.56
SD CME B 97 24.81 -10.85 2.00
CE CME B 97 24.17 -9.30 2.52
CZ CME B 97 25.14 -8.63 3.49
OH CME B 97 25.12 -9.34 4.73
C CME B 97 24.25 -7.84 -0.74
O CME B 97 24.93 -6.95 -0.21
N PHE B 98 22.93 -7.89 -0.63
CA PHE B 98 22.21 -6.94 0.21
C PHE B 98 20.92 -7.57 0.69
N GLU B 99 20.40 -7.04 1.78
CA GLU B 99 19.17 -7.53 2.37
C GLU B 99 18.04 -6.60 1.98
N THR B 100 16.89 -7.18 1.64
CA THR B 100 15.71 -6.37 1.34
C THR B 100 14.47 -7.19 1.72
N PHE B 101 13.47 -6.54 2.32
CA PHE B 101 12.29 -7.23 2.83
C PHE B 101 12.72 -8.38 3.75
N GLY B 102 13.85 -8.20 4.44
CA GLY B 102 14.39 -9.21 5.39
C GLY B 102 15.20 -10.39 4.84
N PHE B 103 15.30 -10.49 3.52
CA PHE B 103 15.98 -11.62 2.89
C PHE B 103 17.15 -11.21 2.01
N LEU B 104 18.07 -12.15 1.85
CA LEU B 104 19.32 -11.88 1.16
C LEU B 104 19.24 -12.02 -0.34
N VAL B 105 19.82 -11.04 -1.01
CA VAL B 105 19.88 -11.02 -2.45
C VAL B 105 21.34 -10.98 -2.85
N GLU B 106 21.73 -11.93 -3.70
CA GLU B 106 23.07 -11.93 -4.27
C GLU B 106 22.94 -11.17 -5.58
N ALA B 107 23.95 -10.38 -5.93
CA ALA B 107 23.89 -9.56 -7.10
C ALA B 107 25.22 -9.27 -7.77
N GLU B 108 25.14 -8.89 -9.02
CA GLU B 108 26.30 -8.51 -9.78
C GLU B 108 25.88 -7.43 -10.74
N VAL B 109 26.58 -6.31 -10.72
CA VAL B 109 26.33 -5.22 -11.65
C VAL B 109 26.65 -5.69 -13.07
N GLU B 110 25.69 -5.51 -13.97
CA GLU B 110 25.83 -5.90 -15.39
C GLU B 110 25.85 -4.71 -16.34
N GLU B 111 25.47 -3.54 -15.86
CA GLU B 111 25.51 -2.35 -16.68
C GLU B 111 25.90 -1.16 -15.84
N PHE B 112 26.86 -0.40 -16.33
CA PHE B 112 27.26 0.82 -15.65
C PHE B 112 27.84 1.82 -16.62
N GLU B 113 27.13 2.90 -16.86
CA GLU B 113 27.60 3.89 -17.78
C GLU B 113 27.22 5.22 -17.21
N LEU B 114 28.21 5.99 -16.79
CA LEU B 114 27.93 7.31 -16.23
C LEU B 114 28.45 8.41 -17.13
N LYS B 115 27.57 9.27 -17.61
CA LYS B 115 27.96 10.40 -18.41
C LYS B 115 27.60 11.64 -17.60
N ASP B 116 27.87 12.82 -18.15
N ASP B 116 27.86 12.80 -18.18
CA ASP B 116 27.60 14.05 -17.42
CA ASP B 116 27.59 14.09 -17.57
C ASP B 116 26.11 14.28 -17.10
C ASP B 116 26.13 14.26 -17.12
N ALA B 117 25.21 13.87 -18.00
CA ALA B 117 23.76 14.06 -17.79
C ALA B 117 22.91 12.78 -17.66
N ILE B 118 23.53 11.61 -17.60
CA ILE B 118 22.78 10.37 -17.51
C ILE B 118 23.60 9.24 -16.91
N LEU B 119 22.95 8.49 -16.03
CA LEU B 119 23.50 7.30 -15.43
C LEU B 119 22.61 6.12 -15.80
N ARG B 120 23.24 5.03 -16.23
CA ARG B 120 22.57 3.75 -16.50
C ARG B 120 23.33 2.75 -15.59
N LEU B 121 22.56 2.06 -14.75
CA LEU B 121 23.08 1.13 -13.78
C LEU B 121 22.08 -0.02 -13.65
N ALA B 122 22.56 -1.25 -13.72
CA ALA B 122 21.69 -2.41 -13.59
C ALA B 122 22.46 -3.58 -13.01
N TRP B 123 21.76 -4.34 -12.19
CA TRP B 123 22.33 -5.54 -11.63
C TRP B 123 21.40 -6.71 -11.80
N ARG B 124 22.03 -7.88 -11.95
CA ARG B 124 21.31 -9.13 -11.91
C ARG B 124 21.27 -9.52 -10.45
N GLY B 125 20.13 -10.00 -10.00
CA GLY B 125 19.99 -10.47 -8.62
C GLY B 125 19.47 -11.90 -8.58
N TRP B 126 19.78 -12.61 -7.50
CA TRP B 126 19.31 -13.96 -7.33
C TRP B 126 19.37 -14.41 -5.87
N ASN B 127 18.65 -15.48 -5.59
CA ASN B 127 18.69 -16.08 -4.26
C ASN B 127 19.38 -17.45 -4.37
N GLU B 128 19.63 -18.12 -3.26
CA GLU B 128 20.28 -19.43 -3.28
C GLU B 128 19.32 -20.60 -3.25
N ALA B 129 18.03 -20.33 -3.37
CA ALA B 129 17.04 -21.39 -3.33
C ALA B 129 17.10 -22.22 -4.61
N LYS B 130 16.43 -23.36 -4.60
CA LYS B 130 16.40 -24.23 -5.76
C LYS B 130 14.98 -24.56 -6.10
N GLY B 131 14.77 -24.94 -7.36
CA GLY B 131 13.46 -25.32 -7.85
C GLY B 131 12.46 -24.19 -7.76
N ASP B 132 11.29 -24.48 -7.22
CA ASP B 132 10.22 -23.47 -7.13
C ASP B 132 10.51 -22.25 -6.24
N GLU B 133 11.57 -22.28 -5.45
CA GLU B 133 11.88 -21.12 -4.60
C GLU B 133 12.93 -20.21 -5.25
N TYR B 134 13.50 -20.62 -6.37
CA TYR B 134 14.53 -19.81 -7.01
C TYR B 134 13.89 -18.58 -7.67
N LEU B 135 14.52 -17.43 -7.47
CA LEU B 135 14.11 -16.16 -8.04
C LEU B 135 15.34 -15.46 -8.60
N GLU B 136 15.28 -15.04 -9.85
CA GLU B 136 16.37 -14.31 -10.49
C GLU B 136 15.77 -13.02 -11.06
N VAL B 137 16.48 -11.90 -10.94
CA VAL B 137 15.96 -10.62 -11.41
C VAL B 137 17.00 -9.75 -12.07
N TYR B 138 16.53 -8.76 -12.80
CA TYR B 138 17.42 -7.78 -13.46
C TYR B 138 16.75 -6.45 -13.13
N HIS B 139 17.44 -5.68 -12.30
CA HIS B 139 16.93 -4.44 -11.76
C HIS B 139 17.75 -3.32 -12.37
N ALA B 140 17.08 -2.49 -13.14
CA ALA B 140 17.75 -1.45 -13.85
C ALA B 140 17.32 -0.05 -13.42
N TRP B 141 18.24 0.88 -13.58
CA TRP B 141 18.06 2.28 -13.17
C TRP B 141 18.52 3.20 -14.28
N LEU B 142 17.85 4.33 -14.40
CA LEU B 142 18.23 5.37 -15.35
C LEU B 142 17.97 6.71 -14.65
N VAL B 143 19.03 7.45 -14.37
CA VAL B 143 18.93 8.74 -13.73
C VAL B 143 19.39 9.74 -14.75
N GLU B 144 18.63 10.80 -14.97
CA GLU B 144 19.08 11.76 -15.96
C GLU B 144 18.62 13.16 -15.68
N LYS B 145 19.39 14.14 -16.18
CA LYS B 145 19.02 15.56 -16.02
C LYS B 145 18.10 15.90 -17.15
N LEU B 146 17.04 16.63 -16.87
CA LEU B 146 16.10 17.04 -17.92
C LEU B 146 16.14 18.56 -17.93
N ASP B 147 15.48 19.19 -18.89
CA ASP B 147 15.45 20.66 -18.96
C ASP B 147 14.94 21.36 -17.71
N ASN B 148 15.43 22.58 -17.52
CA ASN B 148 15.01 23.44 -16.43
C ASN B 148 15.15 22.83 -15.04
N ASP B 149 16.34 22.35 -14.76
CA ASP B 149 16.68 21.87 -13.44
C ASP B 149 15.78 20.75 -12.90
N ARG B 150 15.54 19.74 -13.70
CA ARG B 150 14.76 18.59 -13.23
C ARG B 150 15.61 17.33 -13.35
N VAL B 151 15.39 16.40 -12.43
CA VAL B 151 16.03 15.10 -12.46
C VAL B 151 14.97 14.02 -12.55
N ARG B 152 15.19 13.11 -13.47
CA ARG B 152 14.32 11.97 -13.64
C ARG B 152 15.03 10.74 -13.09
N ILE B 153 14.33 9.97 -12.24
CA ILE B 153 14.81 8.69 -11.74
C ILE B 153 13.80 7.60 -12.17
N LEU B 154 14.23 6.75 -13.11
CA LEU B 154 13.42 5.64 -13.59
C LEU B 154 14.05 4.34 -13.09
N THR B 155 13.25 3.48 -12.48
CA THR B 155 13.75 2.15 -12.09
C THR B 155 12.73 1.09 -12.50
N GLN B 156 13.22 0.05 -13.15
CA GLN B 156 12.39 -1.00 -13.66
C GLN B 156 13.06 -2.35 -13.33
N GLU B 157 12.26 -3.35 -12.99
CA GLU B 157 12.80 -4.68 -12.67
C GLU B 157 11.99 -5.74 -13.40
N SER B 158 12.71 -6.70 -13.97
CA SER B 158 12.17 -7.86 -14.66
C SER B 158 12.59 -9.09 -13.82
N GLN B 159 11.64 -9.97 -13.58
CA GLN B 159 11.88 -11.10 -12.70
C GLN B 159 11.47 -12.42 -13.32
N SER B 160 12.25 -13.45 -13.05
CA SER B 160 11.98 -14.79 -13.53
C SER B 160 12.00 -15.79 -12.41
N GLY B 161 11.04 -16.71 -12.46
CA GLY B 161 10.96 -17.80 -11.48
C GLY B 161 9.56 -17.93 -10.89
N VAL B 162 9.32 -19.02 -10.19
CA VAL B 162 8.02 -19.27 -9.62
C VAL B 162 7.60 -18.16 -8.65
N PRO B 163 8.52 -17.71 -7.78
CA PRO B 163 8.09 -16.63 -6.87
C PRO B 163 7.70 -15.34 -7.60
N ALA B 164 8.27 -15.11 -8.79
CA ALA B 164 7.97 -13.93 -9.56
C ALA B 164 6.53 -14.02 -10.07
N LYS B 165 6.07 -15.22 -10.39
CA LYS B 165 4.68 -15.41 -10.80
C LYS B 165 3.76 -15.05 -9.65
N ALA B 166 4.15 -15.40 -8.44
CA ALA B 166 3.32 -15.06 -7.26
C ALA B 166 3.34 -13.56 -6.99
N LEU B 167 4.52 -12.92 -7.10
CA LEU B 167 4.61 -11.47 -6.88
C LEU B 167 3.78 -10.69 -7.90
N ALA B 168 3.72 -11.16 -9.14
CA ALA B 168 2.92 -10.49 -10.16
C ALA B 168 1.41 -10.43 -9.82
N LYS B 169 0.92 -11.41 -9.09
CA LYS B 169 -0.51 -11.49 -8.70
C LYS B 169 -0.79 -10.86 -7.35
N SER B 170 0.23 -10.46 -6.62
CA SER B 170 0.03 -9.96 -5.25
C SER B 170 -0.83 -8.71 -5.22
N VAL B 171 -1.62 -8.58 -4.17
CA VAL B 171 -2.49 -7.41 -4.00
C VAL B 171 -2.41 -7.00 -2.54
N PRO B 172 -1.92 -5.77 -2.28
CA PRO B 172 -1.41 -4.82 -3.27
C PRO B 172 -0.09 -5.31 -3.90
N ASN B 173 0.42 -4.54 -4.86
CA ASN B 173 1.62 -4.91 -5.57
C ASN B 173 2.76 -4.53 -4.69
N ALA B 174 3.36 -5.51 -4.02
CA ALA B 174 4.41 -5.20 -3.03
C ALA B 174 5.68 -4.61 -3.65
N MSE B 175 6.04 -5.06 -4.84
CA MSE B 175 7.25 -4.59 -5.52
C MSE B 175 7.06 -3.16 -5.93
O MSE B 175 7.97 -2.34 -5.83
CB MSE B 175 7.56 -5.37 -6.79
CG MSE B 175 7.86 -6.85 -6.54
SE MSE B 175 9.57 -7.05 -5.57
CE MSE B 175 10.61 -5.53 -6.26
N LEU B 176 5.87 -2.86 -6.47
CA LEU B 176 5.57 -1.49 -6.89
C LEU B 176 5.70 -0.49 -5.74
N ASN B 177 5.13 -0.83 -4.59
CA ASN B 177 5.18 0.08 -3.48
C ASN B 177 6.57 0.13 -2.83
N GLY B 178 7.26 -0.99 -2.85
CA GLY B 178 8.56 -1.05 -2.33
C GLY B 178 9.48 -0.16 -3.16
N HIS B 179 9.42 -0.31 -4.47
CA HIS B 179 10.30 0.49 -5.30
C HIS B 179 9.95 1.95 -5.27
N GLN B 180 8.66 2.24 -5.10
CA GLN B 180 8.26 3.61 -4.94
C GLN B 180 8.92 4.22 -3.67
N ALA B 181 9.01 3.43 -2.61
CA ALA B 181 9.59 3.89 -1.36
C ALA B 181 11.11 4.11 -1.53
N TRP B 182 11.75 3.30 -2.37
CA TRP B 182 13.18 3.44 -2.67
C TRP B 182 13.36 4.80 -3.36
N LEU B 183 12.57 5.06 -4.39
CA LEU B 183 12.66 6.33 -5.09
C LEU B 183 12.38 7.51 -4.17
N ASP B 184 11.32 7.42 -3.38
CA ASP B 184 10.96 8.49 -2.46
C ASP B 184 12.06 8.78 -1.45
N GLY B 185 12.67 7.73 -0.91
CA GLY B 185 13.77 7.90 0.03
C GLY B 185 15.01 8.51 -0.60
N LEU B 186 15.35 8.06 -1.82
CA LEU B 186 16.53 8.58 -2.52
C LEU B 186 16.40 10.07 -2.84
N VAL B 187 15.19 10.46 -3.19
CA VAL B 187 14.90 11.87 -3.48
C VAL B 187 15.07 12.70 -2.21
N ALA B 188 14.41 12.28 -1.12
CA ALA B 188 14.46 13.00 0.14
C ALA B 188 15.88 13.12 0.69
N TYR B 189 16.62 12.03 0.61
CA TYR B 189 17.97 11.95 1.12
C TYR B 189 18.94 12.79 0.29
N SER B 190 18.61 13.01 -0.97
CA SER B 190 19.46 13.77 -1.87
C SER B 190 19.19 15.29 -1.90
N ARG B 191 18.35 15.77 -1.00
CA ARG B 191 18.11 17.19 -0.90
C ARG B 191 18.71 17.67 0.40
N ALA C 24 22.00 6.51 -31.99
CA ALA C 24 22.95 6.50 -30.85
C ALA C 24 22.25 6.47 -29.47
N MSE C 25 21.03 6.98 -29.34
CA MSE C 25 20.37 6.91 -28.05
C MSE C 25 19.43 5.73 -28.06
O MSE C 25 18.97 5.30 -29.15
CB MSE C 25 19.60 8.21 -27.88
CG MSE C 25 20.46 9.50 -27.83
SE MSE C 25 19.23 10.98 -27.32
CE MSE C 25 18.33 11.18 -29.06
N THR C 26 19.15 5.16 -26.88
CA THR C 26 18.15 4.10 -26.73
C THR C 26 16.93 4.77 -26.08
N THR C 27 15.82 4.86 -26.83
CA THR C 27 14.64 5.62 -26.37
C THR C 27 13.34 4.90 -26.59
N MSE C 28 12.28 5.39 -25.95
N MSE C 28 12.27 5.40 -25.96
CA MSE C 28 10.94 4.87 -26.16
CA MSE C 28 10.94 4.88 -26.15
C MSE C 28 9.96 6.03 -26.32
C MSE C 28 9.96 6.02 -26.33
O MSE C 28 10.18 7.14 -25.85
O MSE C 28 10.20 7.13 -25.84
CB MSE C 28 10.56 3.97 -25.01
CB MSE C 28 10.52 4.04 -24.94
CG MSE C 28 11.15 2.57 -25.21
CG MSE C 28 11.40 2.80 -24.77
SE MSE C 28 10.68 1.41 -23.68
SE MSE C 28 10.58 1.26 -25.65
CE MSE C 28 9.03 0.74 -24.48
CE MSE C 28 9.06 1.13 -24.41
N ASN C 29 8.85 5.78 -27.01
CA ASN C 29 7.83 6.82 -27.15
C ASN C 29 7.40 7.35 -25.78
N ALA C 30 7.14 8.67 -25.75
CA ALA C 30 6.87 9.36 -24.52
C ALA C 30 5.74 10.37 -24.72
N ILE C 31 5.02 10.62 -23.63
CA ILE C 31 3.86 11.54 -23.62
C ILE C 31 4.26 12.98 -23.93
N ARG C 32 3.41 13.66 -24.72
CA ARG C 32 3.61 15.08 -25.06
C ARG C 32 2.89 15.95 -24.02
N TRP C 33 3.62 16.61 -23.12
CA TRP C 33 2.96 17.43 -22.08
C TRP C 33 2.79 18.90 -22.45
N PRO C 34 1.59 19.47 -22.23
CA PRO C 34 1.56 20.93 -22.45
C PRO C 34 2.47 21.55 -21.39
N LYS C 35 2.96 22.75 -21.67
CA LYS C 35 3.92 23.42 -20.78
C LYS C 35 3.49 23.49 -19.30
N LYS C 36 2.23 23.79 -19.04
CA LYS C 36 1.80 23.97 -17.65
C LYS C 36 1.79 22.69 -16.86
N TRP C 37 1.80 21.55 -17.56
CA TRP C 37 1.71 20.23 -16.94
C TRP C 37 3.01 19.44 -16.85
N ILE C 38 4.09 19.97 -17.39
N ILE C 38 4.08 19.96 -17.42
CA ILE C 38 5.38 19.27 -17.38
CA ILE C 38 5.37 19.25 -17.44
C ILE C 38 5.69 18.62 -16.03
C ILE C 38 5.71 18.63 -16.07
N PRO C 39 5.98 17.31 -16.03
CA PRO C 39 6.37 16.63 -14.78
C PRO C 39 7.48 17.32 -14.00
N GLY C 40 7.22 17.55 -12.71
CA GLY C 40 8.13 18.25 -11.82
C GLY C 40 7.79 19.73 -11.66
N GLU C 41 6.92 20.26 -12.53
CA GLU C 41 6.56 21.67 -12.48
C GLU C 41 5.21 21.83 -11.79
N THR C 42 4.56 20.73 -11.44
CA THR C 42 3.24 20.81 -10.79
C THR C 42 3.36 20.29 -9.35
N ASP C 43 2.23 19.98 -8.71
CA ASP C 43 2.25 19.56 -7.32
C ASP C 43 2.31 18.06 -7.10
N ASN C 44 1.94 17.27 -8.11
CA ASN C 44 2.01 15.83 -8.00
C ASN C 44 2.20 15.25 -9.38
N PHE C 45 3.05 14.23 -9.49
CA PHE C 45 3.30 13.50 -10.75
C PHE C 45 3.25 12.00 -10.44
N VAL C 46 2.51 11.26 -11.23
N VAL C 46 2.49 11.28 -11.25
CA VAL C 46 2.43 9.82 -11.02
CA VAL C 46 2.27 9.84 -11.09
C VAL C 46 2.62 9.16 -12.37
C VAL C 46 2.59 9.16 -12.41
N SER C 47 3.29 8.02 -12.38
CA SER C 47 3.65 7.32 -13.60
C SER C 47 3.46 5.82 -13.40
N ASN C 48 2.73 5.16 -14.33
CA ASN C 48 2.52 3.73 -14.28
C ASN C 48 2.65 3.17 -15.68
N GLU C 49 3.12 1.94 -15.76
CA GLU C 49 3.34 1.30 -17.01
C GLU C 49 3.23 -0.21 -16.91
N VAL C 50 2.60 -0.83 -17.89
CA VAL C 50 2.63 -2.29 -17.98
C VAL C 50 3.07 -2.65 -19.40
N ILE C 51 3.67 -3.81 -19.57
CA ILE C 51 4.06 -4.30 -20.91
C ILE C 51 3.66 -5.76 -20.89
N VAL C 52 2.75 -6.10 -21.80
CA VAL C 52 2.09 -7.40 -21.79
C VAL C 52 2.17 -8.14 -23.13
N LYS C 53 2.56 -9.39 -23.06
CA LYS C 53 2.70 -10.27 -24.22
C LYS C 53 1.33 -10.82 -24.63
N GLY C 54 1.04 -10.80 -25.92
CA GLY C 54 -0.20 -11.38 -26.43
C GLY C 54 -1.46 -10.56 -26.22
N LEU C 55 -1.31 -9.35 -25.71
CA LEU C 55 -2.45 -8.49 -25.47
C LEU C 55 -2.90 -7.84 -26.78
N ASP C 56 -4.20 -7.84 -27.06
CA ASP C 56 -4.70 -7.24 -28.28
C ASP C 56 -4.74 -5.70 -28.22
N PHE C 57 -4.01 -5.05 -29.11
CA PHE C 57 -3.95 -3.59 -29.15
C PHE C 57 -5.31 -2.92 -29.39
N ASN C 58 -6.07 -3.41 -30.37
CA ASN C 58 -7.37 -2.81 -30.64
C ASN C 58 -8.36 -2.94 -29.48
N LYS C 59 -8.37 -4.09 -28.80
CA LYS C 59 -9.26 -4.28 -27.63
C LYS C 59 -8.88 -3.31 -26.50
N VAL C 60 -7.58 -3.17 -26.22
CA VAL C 60 -7.12 -2.22 -25.21
C VAL C 60 -7.61 -0.79 -25.57
N VAL C 61 -7.41 -0.40 -26.82
CA VAL C 61 -7.80 0.92 -27.28
C VAL C 61 -9.31 1.10 -27.12
N GLN C 62 -10.07 0.08 -27.48
CA GLN C 62 -11.53 0.11 -27.36
C GLN C 62 -11.98 0.30 -25.90
N HIS C 63 -11.36 -0.44 -24.98
CA HIS C 63 -11.75 -0.42 -23.56
C HIS C 63 -11.25 0.78 -22.76
N LEU C 64 -10.25 1.47 -23.29
CA LEU C 64 -9.80 2.71 -22.70
C LEU C 64 -10.69 3.86 -23.25
N ARG C 65 -10.89 3.90 -24.57
CA ARG C 65 -11.68 4.96 -25.21
C ARG C 65 -13.14 4.99 -24.85
N ASP C 66 -13.78 3.83 -24.77
CA ASP C 66 -15.18 3.79 -24.43
C ASP C 66 -15.27 3.78 -22.92
N ALA C 67 -15.61 4.94 -22.36
CA ALA C 67 -15.66 5.13 -20.94
C ALA C 67 -16.75 4.35 -20.21
N SER C 68 -17.73 3.82 -20.92
CA SER C 68 -18.75 3.02 -20.25
C SER C 68 -18.13 1.71 -19.70
N HIS C 69 -16.97 1.32 -20.22
CA HIS C 69 -16.30 0.09 -19.73
C HIS C 69 -15.52 0.29 -18.44
N TRP C 70 -15.12 1.53 -18.18
CA TRP C 70 -14.28 1.80 -17.01
C TRP C 70 -14.84 1.20 -15.74
N GLU C 71 -16.11 1.47 -15.42
CA GLU C 71 -16.65 0.95 -14.15
C GLU C 71 -16.72 -0.57 -14.12
N LYS C 72 -16.67 -1.21 -15.27
CA LYS C 72 -16.72 -2.68 -15.36
C LYS C 72 -15.39 -3.36 -15.01
N TYR C 73 -14.29 -2.69 -15.25
CA TYR C 73 -13.01 -3.29 -14.93
C TYR C 73 -12.14 -2.55 -13.91
N TYR C 74 -12.52 -1.30 -13.58
CA TYR C 74 -11.74 -0.51 -12.62
C TYR C 74 -12.66 -0.08 -11.49
N LYS C 75 -12.50 -0.78 -10.36
CA LYS C 75 -13.36 -0.61 -9.18
C LYS C 75 -13.43 0.78 -8.54
N ASN C 76 -12.42 1.61 -8.73
CA ASN C 76 -12.47 2.96 -8.16
C ASN C 76 -13.23 3.96 -9.05
N SER C 77 -13.73 3.52 -10.21
CA SER C 77 -14.48 4.43 -11.11
C SER C 77 -15.99 4.21 -11.00
N GLY C 78 -16.76 5.27 -11.17
CA GLY C 78 -18.20 5.18 -11.04
C GLY C 78 -18.96 5.66 -12.27
N ASN C 79 -20.00 6.44 -12.02
CA ASN C 79 -20.85 6.98 -13.08
C ASN C 79 -20.11 7.95 -13.97
N ILE C 80 -20.55 8.01 -15.22
CA ILE C 80 -19.99 8.92 -16.22
C ILE C 80 -21.15 9.65 -16.93
N HIS C 81 -20.84 10.73 -17.62
CA HIS C 81 -21.79 11.43 -18.44
C HIS C 81 -21.05 12.17 -19.56
N MSE C 82 -21.50 12.01 -20.82
CA MSE C 82 -20.91 12.74 -21.96
C MSE C 82 -21.89 13.89 -22.20
O MSE C 82 -23.07 13.66 -22.49
CB MSE C 82 -20.70 11.88 -23.23
CG MSE C 82 -19.25 11.31 -23.39
SE MSE C 82 -18.92 10.16 -21.84
CE MSE C 82 -16.94 10.09 -21.83
N TYR C 83 -21.43 15.12 -22.09
CA TYR C 83 -22.35 16.27 -22.22
C TYR C 83 -22.89 16.53 -23.62
N HIS C 84 -22.10 16.24 -24.64
CA HIS C 84 -22.48 16.56 -26.02
C HIS C 84 -22.34 15.43 -27.05
N GLN C 85 -22.44 14.19 -26.59
CA GLN C 85 -22.34 13.02 -27.46
C GLN C 85 -23.42 12.04 -27.11
N ASP C 86 -23.90 11.31 -28.11
CA ASP C 86 -24.91 10.26 -27.89
C ASP C 86 -24.24 8.90 -27.67
N ASN C 87 -22.95 8.91 -27.35
CA ASN C 87 -22.18 7.69 -27.09
C ASN C 87 -21.10 8.03 -26.07
N THR C 88 -20.42 7.03 -25.55
CA THR C 88 -19.42 7.23 -24.52
C THR C 88 -17.98 7.02 -25.02
N ILE C 89 -17.78 7.19 -26.33
CA ILE C 89 -16.46 6.99 -26.93
C ILE C 89 -15.68 8.29 -26.92
N LEU C 90 -14.55 8.33 -26.23
CA LEU C 90 -13.75 9.57 -26.20
C LEU C 90 -13.10 9.86 -27.56
N LYS C 91 -13.11 11.13 -27.96
CA LYS C 91 -12.43 11.54 -29.17
C LYS C 91 -11.91 12.92 -28.85
N ASP C 92 -11.24 13.60 -29.77
CA ASP C 92 -10.71 14.93 -29.43
C ASP C 92 -11.84 15.88 -28.99
N LYS C 93 -11.57 16.63 -27.93
CA LYS C 93 -12.49 17.64 -27.38
C LYS C 93 -13.74 17.10 -26.69
N THR C 94 -13.81 15.78 -26.44
CA THR C 94 -14.97 15.24 -25.73
C THR C 94 -15.05 15.85 -24.33
N ARG C 95 -16.20 16.41 -23.98
CA ARG C 95 -16.46 17.03 -22.67
C ARG C 95 -17.31 16.06 -21.89
N PHE C 96 -16.84 15.68 -20.72
CA PHE C 96 -17.51 14.63 -19.98
C PHE C 96 -17.22 14.76 -18.52
N CME C 97 -17.86 13.91 -17.73
CA CME C 97 -17.59 13.86 -16.32
CB CME C 97 -18.50 14.78 -15.50
SG CME C 97 -20.20 14.33 -15.52
SD CME C 97 -20.70 14.07 -13.59
CE CME C 97 -20.22 12.37 -13.36
CZ CME C 97 -21.34 11.43 -13.78
OH CME C 97 -22.51 11.67 -12.98
C CME C 97 -17.63 12.43 -15.88
O CME C 97 -18.25 11.58 -16.52
N PHE C 98 -16.92 12.13 -14.79
CA PHE C 98 -16.90 10.77 -14.25
C PHE C 98 -16.55 10.81 -12.77
N GLU C 99 -16.89 9.74 -12.06
CA GLU C 99 -16.55 9.62 -10.65
C GLU C 99 -15.35 8.70 -10.50
N THR C 100 -14.38 9.10 -9.68
CA THR C 100 -13.25 8.23 -9.34
C THR C 100 -12.82 8.53 -7.91
N PHE C 101 -12.60 7.48 -7.12
CA PHE C 101 -12.29 7.63 -5.69
C PHE C 101 -13.38 8.44 -4.99
N GLY C 102 -14.62 8.33 -5.46
CA GLY C 102 -15.73 9.07 -4.86
C GLY C 102 -15.78 10.56 -5.21
N PHE C 103 -14.80 11.05 -5.97
CA PHE C 103 -14.78 12.46 -6.36
C PHE C 103 -15.28 12.65 -7.78
N LEU C 104 -16.00 13.75 -7.98
CA LEU C 104 -16.61 14.08 -9.27
C LEU C 104 -15.57 14.83 -10.10
N VAL C 105 -15.16 14.26 -11.24
CA VAL C 105 -14.16 14.91 -12.08
C VAL C 105 -14.80 15.46 -13.37
N GLU C 106 -14.65 16.78 -13.60
CA GLU C 106 -15.07 17.39 -14.85
C GLU C 106 -13.89 17.29 -15.77
N ALA C 107 -14.10 16.86 -17.00
CA ALA C 107 -12.97 16.68 -17.89
C ALA C 107 -13.24 16.97 -19.35
N GLU C 108 -12.18 17.20 -20.09
CA GLU C 108 -12.28 17.41 -21.49
C GLU C 108 -11.03 16.84 -22.16
N VAL C 109 -11.21 16.07 -23.24
CA VAL C 109 -10.09 15.45 -23.95
C VAL C 109 -9.36 16.55 -24.70
N GLU C 110 -8.06 16.61 -24.46
CA GLU C 110 -7.18 17.61 -25.05
C GLU C 110 -6.17 17.01 -26.03
N GLU C 111 -6.09 15.69 -26.06
CA GLU C 111 -5.23 15.06 -27.03
C GLU C 111 -5.86 13.74 -27.46
N PHE C 112 -5.92 13.52 -28.76
CA PHE C 112 -6.41 12.28 -29.28
C PHE C 112 -5.80 12.00 -30.64
N GLU C 113 -4.88 11.02 -30.70
CA GLU C 113 -4.26 10.67 -31.94
C GLU C 113 -4.17 9.16 -31.94
N LEU C 114 -4.88 8.54 -32.86
CA LEU C 114 -4.89 7.09 -32.96
C LEU C 114 -4.32 6.64 -34.29
N LYS C 115 -3.30 5.80 -34.22
CA LYS C 115 -2.67 5.24 -35.40
C LYS C 115 -2.77 3.73 -35.33
N ASP C 116 -2.26 3.07 -36.35
CA ASP C 116 -2.29 1.61 -36.43
C ASP C 116 -1.56 0.97 -35.26
N ALA C 117 -0.45 1.55 -34.81
CA ALA C 117 0.38 0.95 -33.74
C ALA C 117 0.47 1.73 -32.43
N ILE C 118 -0.17 2.89 -32.36
CA ILE C 118 -0.07 3.73 -31.19
C ILE C 118 -1.25 4.67 -31.02
N LEU C 119 -1.66 4.81 -29.75
CA LEU C 119 -2.70 5.72 -29.30
C LEU C 119 -2.15 6.68 -28.27
N ARG C 120 -2.41 7.96 -28.48
CA ARG C 120 -2.11 9.05 -27.54
C ARG C 120 -3.48 9.67 -27.20
N LEU C 121 -3.79 9.72 -25.91
CA LEU C 121 -5.07 10.20 -25.41
C LEU C 121 -4.80 10.88 -24.08
N ALA C 122 -5.33 12.07 -23.89
CA ALA C 122 -5.20 12.74 -22.61
C ALA C 122 -6.36 13.67 -22.42
N TRP C 123 -6.73 13.83 -21.15
CA TRP C 123 -7.75 14.78 -20.78
C TRP C 123 -7.30 15.64 -19.64
N ARG C 124 -7.82 16.85 -19.62
CA ARG C 124 -7.63 17.72 -18.49
C ARG C 124 -8.84 17.48 -17.61
N GLY C 125 -8.61 17.40 -16.29
CA GLY C 125 -9.67 17.19 -15.35
C GLY C 125 -9.67 18.29 -14.27
N TRP C 126 -10.82 18.55 -13.68
CA TRP C 126 -10.92 19.58 -12.65
C TRP C 126 -12.18 19.38 -11.84
N ASN C 127 -12.24 19.99 -10.66
CA ASN C 127 -13.44 19.93 -9.85
C ASN C 127 -14.08 21.29 -9.77
N GLU C 128 -15.33 21.33 -9.37
CA GLU C 128 -16.03 22.61 -9.23
C GLU C 128 -15.91 23.05 -7.77
N ALA C 129 -14.69 23.32 -7.37
CA ALA C 129 -14.36 23.81 -6.03
C ALA C 129 -13.53 25.06 -6.23
N LYS C 130 -13.29 25.82 -5.17
CA LYS C 130 -12.56 27.06 -5.29
C LYS C 130 -11.50 27.16 -4.22
N GLY C 131 -10.50 28.00 -4.46
CA GLY C 131 -9.43 28.25 -3.50
C GLY C 131 -8.55 27.03 -3.27
N ASP C 132 -8.41 26.64 -2.00
CA ASP C 132 -7.58 25.50 -1.61
C ASP C 132 -8.26 24.12 -1.78
N GLU C 133 -9.52 24.12 -2.18
CA GLU C 133 -10.22 22.85 -2.43
C GLU C 133 -10.12 22.49 -3.92
N TYR C 134 -9.65 23.43 -4.73
CA TYR C 134 -9.58 23.26 -6.18
C TYR C 134 -8.50 22.26 -6.59
N LEU C 135 -8.82 21.43 -7.58
CA LEU C 135 -7.86 20.45 -8.10
C LEU C 135 -8.02 20.33 -9.59
N GLU C 136 -6.93 20.54 -10.33
CA GLU C 136 -6.88 20.44 -11.79
C GLU C 136 -5.77 19.44 -12.16
N VAL C 137 -6.06 18.54 -13.11
CA VAL C 137 -5.13 17.50 -13.54
C VAL C 137 -5.05 17.36 -15.06
N TYR C 138 -3.96 16.78 -15.53
CA TYR C 138 -3.79 16.43 -16.94
C TYR C 138 -3.38 14.94 -16.90
N HIS C 139 -4.29 14.07 -17.39
CA HIS C 139 -4.11 12.60 -17.34
C HIS C 139 -3.92 12.06 -18.75
N ALA C 140 -2.72 11.58 -19.00
CA ALA C 140 -2.31 11.14 -20.31
C ALA C 140 -2.08 9.65 -20.37
N TRP C 141 -2.29 9.13 -21.57
CA TRP C 141 -2.16 7.71 -21.87
C TRP C 141 -1.42 7.54 -23.18
N LEU C 142 -0.62 6.48 -23.24
CA LEU C 142 0.08 6.09 -24.44
C LEU C 142 0.01 4.59 -24.54
N VAL C 143 -0.69 4.09 -25.55
CA VAL C 143 -0.80 2.66 -25.77
C VAL C 143 -0.10 2.36 -27.06
N GLU C 144 0.79 1.35 -27.07
CA GLU C 144 1.48 1.02 -28.30
C GLU C 144 1.92 -0.42 -28.42
N LYS C 145 2.00 -0.86 -29.67
CA LYS C 145 2.48 -2.19 -29.96
C LYS C 145 3.97 -2.14 -29.98
N LEU C 146 4.56 -3.14 -29.34
CA LEU C 146 6.00 -3.30 -29.35
C LEU C 146 6.29 -4.60 -30.13
N ASP C 147 7.55 -4.83 -30.38
CA ASP C 147 8.00 -6.00 -31.12
C ASP C 147 7.58 -7.31 -30.42
N ASN C 148 7.47 -8.39 -31.19
CA ASN C 148 7.13 -9.71 -30.65
C ASN C 148 5.81 -9.83 -29.88
N ASP C 149 4.75 -9.27 -30.44
CA ASP C 149 3.42 -9.42 -29.87
C ASP C 149 3.25 -8.91 -28.41
N ARG C 150 3.81 -7.74 -28.14
CA ARG C 150 3.69 -7.09 -26.84
C ARG C 150 2.94 -5.75 -26.99
N VAL C 151 2.19 -5.37 -25.96
CA VAL C 151 1.53 -4.07 -25.91
C VAL C 151 1.97 -3.37 -24.63
N ARG C 152 2.33 -2.09 -24.76
CA ARG C 152 2.71 -1.26 -23.65
C ARG C 152 1.59 -0.25 -23.36
N ILE C 153 1.23 -0.12 -22.08
CA ILE C 153 0.29 0.89 -21.68
C ILE C 153 0.99 1.76 -20.65
N LEU C 154 1.19 3.00 -21.01
CA LEU C 154 1.82 3.97 -20.16
C LEU C 154 0.77 5.00 -19.76
N THR C 155 0.61 5.26 -18.48
CA THR C 155 -0.28 6.34 -18.07
C THR C 155 0.41 7.21 -17.03
N GLN C 156 0.27 8.52 -17.23
CA GLN C 156 0.91 9.46 -16.36
C GLN C 156 -0.06 10.61 -16.10
N GLU C 157 -0.01 11.13 -14.87
CA GLU C 157 -0.88 12.23 -14.51
C GLU C 157 -0.09 13.31 -13.75
N SER C 158 -0.41 14.55 -14.09
CA SER C 158 0.20 15.74 -13.50
C SER C 158 -0.95 16.52 -12.85
N GLN C 159 -0.76 16.89 -11.58
CA GLN C 159 -1.81 17.55 -10.78
C GLN C 159 -1.38 18.86 -10.15
N SER C 160 -2.32 19.80 -10.08
CA SER C 160 -2.07 21.11 -9.46
C SER C 160 -3.17 21.45 -8.50
N GLY C 161 -2.79 22.08 -7.39
CA GLY C 161 -3.75 22.49 -6.36
C GLY C 161 -3.32 21.96 -5.01
N VAL C 162 -3.88 22.53 -3.94
CA VAL C 162 -3.49 22.09 -2.59
C VAL C 162 -3.83 20.60 -2.34
N PRO C 163 -4.97 20.12 -2.83
CA PRO C 163 -5.24 18.70 -2.62
C PRO C 163 -4.17 17.80 -3.27
N ALA C 164 -3.53 18.28 -4.34
CA ALA C 164 -2.48 17.52 -5.03
C ALA C 164 -1.26 17.34 -4.11
N LYS C 165 -0.97 18.37 -3.32
CA LYS C 165 0.16 18.34 -2.40
C LYS C 165 -0.05 17.27 -1.34
N ALA C 166 -1.27 17.12 -0.84
CA ALA C 166 -1.59 16.07 0.13
C ALA C 166 -1.48 14.66 -0.51
N LEU C 167 -1.98 14.50 -1.74
CA LEU C 167 -1.88 13.20 -2.45
C LEU C 167 -0.42 12.80 -2.68
N ALA C 168 0.41 13.78 -3.00
CA ALA C 168 1.82 13.52 -3.22
C ALA C 168 2.50 12.92 -1.99
N LYS C 169 1.98 13.21 -0.79
CA LYS C 169 2.54 12.71 0.47
C LYS C 169 2.01 11.34 0.93
N SER C 170 1.00 10.81 0.27
CA SER C 170 0.42 9.56 0.73
C SER C 170 1.41 8.39 0.55
N VAL C 171 1.47 7.52 1.56
CA VAL C 171 2.27 6.30 1.53
C VAL C 171 1.42 5.18 2.16
N PRO C 172 1.00 4.18 1.38
CA PRO C 172 1.23 4.03 -0.05
C PRO C 172 0.70 5.22 -0.86
N ASN C 173 1.28 5.41 -2.05
CA ASN C 173 0.89 6.47 -2.94
C ASN C 173 -0.49 6.07 -3.51
N ALA C 174 -1.51 6.82 -3.17
CA ALA C 174 -2.89 6.45 -3.55
C ALA C 174 -3.16 6.45 -5.06
N MSE C 175 -2.65 7.47 -5.74
CA MSE C 175 -2.79 7.59 -7.18
C MSE C 175 -2.01 6.50 -7.88
O MSE C 175 -2.45 5.91 -8.87
CB MSE C 175 -2.24 8.92 -7.68
CG MSE C 175 -2.94 10.14 -7.08
SE MSE C 175 -4.82 10.18 -7.63
CE MSE C 175 -4.82 9.42 -9.45
N LEU C 176 -0.82 6.19 -7.39
CA LEU C 176 -0.01 5.16 -8.02
C LEU C 176 -0.71 3.82 -7.98
N ASN C 177 -1.31 3.49 -6.83
CA ASN C 177 -1.98 2.23 -6.72
C ASN C 177 -3.28 2.23 -7.48
N GLY C 178 -3.97 3.37 -7.48
CA GLY C 178 -5.21 3.47 -8.27
C GLY C 178 -4.95 3.23 -9.74
N HIS C 179 -3.99 3.95 -10.28
CA HIS C 179 -3.66 3.84 -11.69
C HIS C 179 -3.13 2.47 -12.02
N GLN C 180 -2.37 1.84 -11.11
CA GLN C 180 -1.91 0.49 -11.37
C GLN C 180 -3.13 -0.47 -11.51
N ALA C 181 -4.12 -0.28 -10.67
CA ALA C 181 -5.33 -1.08 -10.72
C ALA C 181 -6.12 -0.82 -12.00
N TRP C 182 -6.09 0.42 -12.51
CA TRP C 182 -6.77 0.78 -13.78
C TRP C 182 -6.06 -0.01 -14.85
N LEU C 183 -4.72 0.08 -14.90
CA LEU C 183 -3.95 -0.67 -15.89
C LEU C 183 -4.21 -2.17 -15.83
N ASP C 184 -4.12 -2.74 -14.65
CA ASP C 184 -4.35 -4.16 -14.49
C ASP C 184 -5.74 -4.58 -14.91
N GLY C 185 -6.75 -3.77 -14.57
CA GLY C 185 -8.12 -4.07 -14.98
C GLY C 185 -8.30 -4.00 -16.49
N LEU C 186 -7.71 -2.97 -17.09
CA LEU C 186 -7.77 -2.77 -18.53
C LEU C 186 -7.13 -3.98 -19.26
N VAL C 187 -6.02 -4.48 -18.74
CA VAL C 187 -5.36 -5.64 -19.32
C VAL C 187 -6.24 -6.86 -19.20
N ALA C 188 -6.74 -7.11 -17.99
CA ALA C 188 -7.57 -8.30 -17.73
C ALA C 188 -8.79 -8.33 -18.60
N TYR C 189 -9.43 -7.17 -18.70
CA TYR C 189 -10.68 -7.02 -19.42
C TYR C 189 -10.49 -7.18 -20.92
N SER C 190 -9.31 -6.85 -21.41
CA SER C 190 -8.98 -6.92 -22.82
C SER C 190 -8.41 -8.26 -23.31
N ARG C 191 -8.38 -9.28 -22.46
CA ARG C 191 -7.86 -10.57 -22.88
C ARG C 191 -9.03 -11.35 -23.41
N ALA D 24 -14.13 -17.02 32.63
CA ALA D 24 -14.43 -17.99 31.55
C ALA D 24 -14.04 -17.50 30.14
N MSE D 25 -14.15 -16.20 29.89
CA MSE D 25 -13.77 -15.66 28.59
C MSE D 25 -12.41 -15.02 28.67
O MSE D 25 -12.01 -14.55 29.71
CB MSE D 25 -14.78 -14.58 28.18
CG MSE D 25 -16.14 -15.20 27.84
SE MSE D 25 -17.36 -13.75 27.31
CE MSE D 25 -17.35 -12.83 29.04
N THR D 26 -11.69 -15.02 27.55
CA THR D 26 -10.39 -14.32 27.47
C THR D 26 -10.69 -13.03 26.67
N THR D 27 -10.54 -11.88 27.31
CA THR D 27 -10.95 -10.61 26.72
C THR D 27 -9.97 -9.48 26.92
N MSE D 28 -10.16 -8.43 26.15
N MSE D 28 -10.17 -8.41 26.16
CA MSE D 28 -9.40 -7.20 26.28
CA MSE D 28 -9.36 -7.20 26.25
C MSE D 28 -10.34 -6.03 26.23
C MSE D 28 -10.26 -6.01 26.12
O MSE D 28 -11.45 -6.14 25.74
O MSE D 28 -11.24 -6.06 25.38
CB MSE D 28 -8.37 -7.12 25.17
CB MSE D 28 -8.35 -7.14 25.12
CG MSE D 28 -7.24 -8.09 25.46
CG MSE D 28 -7.37 -8.29 25.16
SE MSE D 28 -5.84 -7.91 24.09
SE MSE D 28 -5.79 -7.75 26.19
CE MSE D 28 -4.87 -6.48 24.99
CE MSE D 28 -4.85 -6.83 24.73
N ASN D 29 -9.90 -4.92 26.80
CA ASN D 29 -10.70 -3.70 26.75
C ASN D 29 -10.99 -3.26 25.32
N ALA D 30 -12.21 -2.78 25.10
CA ALA D 30 -12.65 -2.41 23.77
C ALA D 30 -13.32 -1.06 23.80
N ILE D 31 -13.36 -0.42 22.64
N ILE D 31 -13.41 -0.47 22.61
CA ILE D 31 -13.95 0.90 22.49
CA ILE D 31 -14.03 0.84 22.38
C ILE D 31 -15.47 0.89 22.59
C ILE D 31 -15.52 0.86 22.61
N ARG D 32 -16.00 1.92 23.27
CA ARG D 32 -17.45 2.12 23.48
C ARG D 32 -17.97 2.98 22.33
N TRP D 33 -18.77 2.40 21.45
CA TRP D 33 -19.28 3.11 20.28
C TRP D 33 -20.68 3.62 20.51
N PRO D 34 -20.95 4.87 20.16
CA PRO D 34 -22.33 5.24 20.21
C PRO D 34 -23.04 4.41 19.14
N LYS D 35 -24.34 4.19 19.33
CA LYS D 35 -25.13 3.36 18.45
C LYS D 35 -24.98 3.66 16.96
N LYS D 36 -24.97 4.93 16.60
CA LYS D 36 -24.92 5.26 15.19
C LYS D 36 -23.58 4.98 14.51
N TRP D 37 -22.54 4.68 15.30
CA TRP D 37 -21.21 4.41 14.75
C TRP D 37 -20.75 2.98 14.88
N ILE D 38 -21.58 2.09 15.40
CA ILE D 38 -21.19 0.70 15.60
C ILE D 38 -20.52 0.09 14.34
N PRO D 39 -19.35 -0.51 14.48
CA PRO D 39 -18.67 -1.12 13.34
C PRO D 39 -19.56 -2.11 12.59
N GLY D 40 -19.60 -1.99 11.27
CA GLY D 40 -20.45 -2.82 10.42
C GLY D 40 -21.78 -2.17 10.10
N GLU D 41 -22.19 -1.16 10.87
CA GLU D 41 -23.45 -0.45 10.61
C GLU D 41 -23.24 0.85 9.84
N THR D 42 -22.01 1.17 9.44
CA THR D 42 -21.73 2.42 8.71
C THR D 42 -21.10 2.13 7.35
N ASP D 43 -20.46 3.11 6.71
CA ASP D 43 -19.93 2.87 5.36
C ASP D 43 -18.47 2.42 5.30
N ASN D 44 -17.74 2.64 6.39
CA ASN D 44 -16.33 2.22 6.46
C ASN D 44 -15.90 2.10 7.91
N PHE D 45 -15.17 1.01 8.20
CA PHE D 45 -14.60 0.73 9.50
C PHE D 45 -13.15 0.39 9.33
N VAL D 46 -12.31 1.00 10.14
CA VAL D 46 -10.88 0.73 10.12
C VAL D 46 -10.41 0.49 11.56
N SER D 47 -9.52 -0.48 11.72
CA SER D 47 -9.00 -0.87 13.01
C SER D 47 -7.47 -1.03 12.92
N ASN D 48 -6.75 -0.43 13.85
CA ASN D 48 -5.29 -0.50 13.86
C ASN D 48 -4.87 -0.60 15.32
N GLU D 49 -3.77 -1.29 15.56
CA GLU D 49 -3.31 -1.53 16.91
C GLU D 49 -1.83 -1.83 16.98
N VAL D 50 -1.15 -1.27 17.95
CA VAL D 50 0.27 -1.60 18.26
C VAL D 50 0.35 -2.00 19.74
N ILE D 51 1.34 -2.85 20.10
CA ILE D 51 1.56 -3.19 21.51
C ILE D 51 3.07 -3.15 21.62
N VAL D 52 3.58 -2.28 22.47
CA VAL D 52 5.02 -2.03 22.52
C VAL D 52 5.61 -2.14 23.93
N LYS D 53 6.74 -2.80 24.03
CA LYS D 53 7.40 -3.01 25.32
C LYS D 53 8.19 -1.77 25.71
N GLY D 54 8.17 -1.41 26.99
CA GLY D 54 8.96 -0.28 27.49
C GLY D 54 8.47 1.12 27.16
N LEU D 55 7.29 1.25 26.57
CA LEU D 55 6.76 2.55 26.22
C LEU D 55 6.06 3.08 27.46
N ASP D 56 6.26 4.35 27.78
CA ASP D 56 5.61 4.95 28.95
C ASP D 56 4.18 5.40 28.63
N PHE D 57 3.20 4.94 29.42
CA PHE D 57 1.80 5.27 29.21
C PHE D 57 1.53 6.78 29.20
N ASN D 58 2.02 7.47 30.20
CA ASN D 58 1.79 8.92 30.36
C ASN D 58 2.33 9.71 29.17
N LYS D 59 3.51 9.32 28.67
CA LYS D 59 4.10 9.99 27.49
C LYS D 59 3.23 9.84 26.27
N VAL D 60 2.68 8.64 26.07
CA VAL D 60 1.83 8.35 24.93
C VAL D 60 0.59 9.22 25.02
N VAL D 61 -0.03 9.23 26.22
CA VAL D 61 -1.24 9.99 26.46
C VAL D 61 -0.97 11.49 26.14
N GLN D 62 0.16 11.99 26.64
CA GLN D 62 0.57 13.37 26.38
C GLN D 62 0.64 13.69 24.90
N HIS D 63 1.33 12.84 24.15
CA HIS D 63 1.58 13.06 22.75
C HIS D 63 0.35 12.81 21.84
N LEU D 64 -0.68 12.17 22.40
CA LEU D 64 -1.92 11.98 21.68
C LEU D 64 -2.87 13.13 22.01
N ARG D 65 -3.05 13.45 23.30
CA ARG D 65 -3.97 14.51 23.72
C ARG D 65 -3.51 15.91 23.32
N ASP D 66 -2.21 16.16 23.37
CA ASP D 66 -1.70 17.47 23.01
C ASP D 66 -1.55 17.43 21.50
N ALA D 67 -2.59 17.89 20.83
CA ALA D 67 -2.61 17.87 19.38
C ALA D 67 -1.53 18.69 18.68
N SER D 68 -0.77 19.51 19.43
CA SER D 68 0.36 20.27 18.83
C SER D 68 1.54 19.34 18.48
N HIS D 69 1.57 18.13 19.06
CA HIS D 69 2.64 17.16 18.75
C HIS D 69 2.39 16.37 17.46
N TRP D 70 1.13 16.29 17.05
CA TRP D 70 0.71 15.49 15.89
C TRP D 70 1.59 15.75 14.66
N GLU D 71 1.72 17.02 14.31
N GLU D 71 1.74 17.00 14.24
CA GLU D 71 2.58 17.49 13.22
CA GLU D 71 2.59 17.32 13.08
C GLU D 71 4.02 17.02 13.30
C GLU D 71 4.05 16.92 13.27
N LYS D 72 4.52 16.90 14.51
CA LYS D 72 5.90 16.56 14.76
C LYS D 72 6.24 15.08 14.52
N TYR D 73 5.28 14.19 14.76
CA TYR D 73 5.53 12.76 14.57
C TYR D 73 4.69 12.07 13.47
N TYR D 74 3.59 12.68 13.06
CA TYR D 74 2.72 12.15 12.00
C TYR D 74 2.57 13.15 10.85
N LYS D 75 3.31 12.87 9.77
CA LYS D 75 3.39 13.72 8.57
C LYS D 75 2.11 13.95 7.75
N ASN D 76 1.11 13.12 7.96
CA ASN D 76 -0.13 13.18 7.21
C ASN D 76 -1.15 14.12 7.86
N SER D 77 -0.84 14.68 9.03
CA SER D 77 -1.74 15.64 9.69
C SER D 77 -1.22 17.04 9.43
N GLY D 78 -2.12 18.01 9.39
CA GLY D 78 -1.77 19.40 9.08
C GLY D 78 -1.97 20.33 10.26
N ASN D 79 -2.47 21.52 9.97
CA ASN D 79 -2.69 22.49 11.03
C ASN D 79 -3.83 22.04 11.95
N ILE D 80 -3.89 22.70 13.09
CA ILE D 80 -4.89 22.41 14.10
C ILE D 80 -5.44 23.73 14.59
N HIS D 81 -6.67 23.74 15.06
CA HIS D 81 -7.25 24.94 15.63
C HIS D 81 -8.24 24.57 16.71
N MSE D 82 -8.15 25.27 17.83
CA MSE D 82 -9.00 25.06 18.96
C MSE D 82 -9.87 26.28 19.05
O MSE D 82 -9.38 27.40 19.18
CB MSE D 82 -8.08 24.89 20.17
CG MSE D 82 -6.77 24.14 19.84
SE MSE D 82 -6.94 22.18 19.94
CE MSE D 82 -8.22 22.21 21.42
N TYR D 83 -11.19 26.09 18.98
CA TYR D 83 -12.14 27.21 18.96
C TYR D 83 -12.34 27.97 20.29
N HIS D 84 -12.29 27.27 21.42
CA HIS D 84 -12.56 27.90 22.72
C HIS D 84 -11.50 27.67 23.81
N GLN D 85 -10.30 27.23 23.44
CA GLN D 85 -9.29 26.95 24.44
C GLN D 85 -8.02 27.68 24.17
N ASP D 86 -7.31 28.03 25.25
CA ASP D 86 -6.03 28.72 25.14
C ASP D 86 -4.88 27.72 25.07
N ASN D 87 -5.21 26.44 24.95
CA ASN D 87 -4.22 25.38 24.88
C ASN D 87 -4.68 24.31 23.87
N THR D 88 -3.74 23.48 23.44
CA THR D 88 -4.01 22.41 22.47
C THR D 88 -4.26 21.04 23.10
N ILE D 89 -4.65 21.00 24.36
CA ILE D 89 -4.85 19.72 25.04
C ILE D 89 -6.32 19.30 24.92
N LEU D 90 -6.55 18.17 24.27
CA LEU D 90 -7.90 17.67 24.07
C LEU D 90 -8.52 17.17 25.34
N LYS D 91 -9.74 17.60 25.62
CA LYS D 91 -10.52 17.12 26.77
C LYS D 91 -11.98 17.03 26.34
N ASP D 92 -12.87 16.62 27.24
CA ASP D 92 -14.28 16.40 26.87
C ASP D 92 -14.92 17.64 26.31
N LYS D 93 -15.69 17.44 25.23
CA LYS D 93 -16.38 18.50 24.50
C LYS D 93 -15.43 19.50 23.81
N THR D 94 -14.13 19.26 23.83
CA THR D 94 -13.18 20.16 23.15
C THR D 94 -13.57 20.30 21.68
N ARG D 95 -13.83 21.55 21.27
CA ARG D 95 -14.21 21.85 19.88
C ARG D 95 -12.97 22.25 19.10
N PHE D 96 -12.70 21.59 17.98
CA PHE D 96 -11.50 21.87 17.23
C PHE D 96 -11.64 21.46 15.78
N CME D 97 -10.57 21.64 15.02
CA CME D 97 -10.58 21.26 13.63
CB CME D 97 -11.19 22.34 12.73
SG CME D 97 -10.21 23.81 12.59
SD CME D 97 -9.18 23.23 10.94
CE CME D 97 -7.66 24.07 11.18
CZ CME D 97 -6.90 24.16 9.85
OH CME D 97 -6.41 25.49 9.66
C CME D 97 -9.18 20.93 13.28
O CME D 97 -8.25 21.42 13.92
N PHE D 98 -9.02 20.05 12.32
CA PHE D 98 -7.69 19.69 11.86
C PHE D 98 -7.77 19.25 10.42
N GLU D 99 -6.59 19.11 9.82
CA GLU D 99 -6.44 18.72 8.42
C GLU D 99 -5.77 17.36 8.34
N THR D 100 -6.33 16.45 7.54
CA THR D 100 -5.72 15.15 7.26
C THR D 100 -6.12 14.77 5.86
N PHE D 101 -5.14 14.27 5.10
CA PHE D 101 -5.33 13.92 3.70
C PHE D 101 -5.73 15.18 2.90
N GLY D 102 -5.23 16.33 3.35
CA GLY D 102 -5.52 17.62 2.71
C GLY D 102 -7.00 17.97 2.77
N PHE D 103 -7.67 17.51 3.84
CA PHE D 103 -9.09 17.77 4.03
C PHE D 103 -9.33 18.40 5.37
N LEU D 104 -10.18 19.41 5.37
CA LEU D 104 -10.56 20.10 6.59
C LEU D 104 -11.63 19.29 7.30
N VAL D 105 -11.34 18.91 8.53
CA VAL D 105 -12.28 18.17 9.32
C VAL D 105 -12.54 18.91 10.62
N GLU D 106 -13.79 19.31 10.78
CA GLU D 106 -14.25 19.95 11.97
C GLU D 106 -14.48 18.79 12.92
N ALA D 107 -14.03 18.90 14.17
CA ALA D 107 -14.18 17.83 15.13
C ALA D 107 -14.61 18.33 16.47
N GLU D 108 -15.11 17.41 17.28
CA GLU D 108 -15.51 17.70 18.65
C GLU D 108 -15.32 16.43 19.48
N VAL D 109 -14.56 16.55 20.57
CA VAL D 109 -14.31 15.39 21.43
C VAL D 109 -15.63 15.01 22.09
N GLU D 110 -16.02 13.74 21.93
CA GLU D 110 -17.25 13.23 22.52
C GLU D 110 -17.00 12.21 23.62
N GLU D 111 -15.75 11.82 23.79
CA GLU D 111 -15.40 10.88 24.84
C GLU D 111 -14.04 11.24 25.37
N PHE D 112 -13.92 11.33 26.70
CA PHE D 112 -12.63 11.53 27.34
C PHE D 112 -12.66 10.98 28.75
N GLU D 113 -11.94 9.89 28.97
CA GLU D 113 -11.89 9.32 30.27
C GLU D 113 -10.46 8.88 30.43
N LEU D 114 -9.74 9.55 31.33
CA LEU D 114 -8.35 9.23 31.60
C LEU D 114 -8.19 8.72 33.02
N LYS D 115 -7.71 7.48 33.14
CA LYS D 115 -7.48 6.83 34.43
C LYS D 115 -5.99 6.51 34.54
N ASP D 116 -5.55 5.95 35.67
CA ASP D 116 -4.14 5.69 35.83
C ASP D 116 -3.56 4.74 34.76
N ALA D 117 -4.36 3.77 34.27
CA ALA D 117 -3.83 2.75 33.36
C ALA D 117 -4.55 2.62 32.01
N ILE D 118 -5.47 3.53 31.76
CA ILE D 118 -6.24 3.48 30.52
C ILE D 118 -6.82 4.84 30.18
N LEU D 119 -6.67 5.19 28.90
CA LEU D 119 -7.26 6.38 28.34
C LEU D 119 -8.25 5.93 27.29
N ARG D 120 -9.44 6.53 27.33
CA ARG D 120 -10.43 6.42 26.27
C ARG D 120 -10.65 7.83 25.74
N LEU D 121 -10.37 8.03 24.45
CA LEU D 121 -10.52 9.33 23.79
C LEU D 121 -11.17 9.17 22.43
N ALA D 122 -12.17 9.98 22.11
CA ALA D 122 -12.79 9.91 20.79
C ALA D 122 -13.40 11.25 20.38
N TRP D 123 -13.34 11.49 19.08
CA TRP D 123 -13.98 12.66 18.49
C TRP D 123 -14.80 12.30 17.26
N ARG D 124 -15.83 13.11 17.04
CA ARG D 124 -16.67 12.99 15.90
C ARG D 124 -16.14 14.08 15.00
N GLY D 125 -16.00 13.76 13.73
CA GLY D 125 -15.55 14.71 12.73
C GLY D 125 -16.53 14.82 11.59
N TRP D 126 -16.52 15.96 10.90
CA TRP D 126 -17.39 16.18 9.77
C TRP D 126 -16.81 17.25 8.86
N ASN D 127 -17.27 17.28 7.62
CA ASN D 127 -16.83 18.32 6.71
C ASN D 127 -17.98 19.29 6.47
N GLU D 128 -17.69 20.37 5.76
CA GLU D 128 -18.65 21.41 5.46
C GLU D 128 -19.20 21.19 4.05
N ALA D 129 -19.74 20.01 3.79
CA ALA D 129 -20.26 19.68 2.47
C ALA D 129 -21.69 19.18 2.55
N LYS D 130 -22.34 19.12 1.39
CA LYS D 130 -23.73 18.74 1.29
C LYS D 130 -23.92 17.43 0.56
N GLY D 131 -25.03 16.76 0.86
CA GLY D 131 -25.40 15.50 0.20
C GLY D 131 -24.26 14.51 -0.03
N ASP D 132 -24.05 14.14 -1.29
CA ASP D 132 -23.04 13.14 -1.67
C ASP D 132 -21.57 13.42 -1.32
N GLU D 133 -21.23 14.66 -1.01
CA GLU D 133 -19.84 14.98 -0.65
C GLU D 133 -19.67 15.04 0.87
N TYR D 134 -20.78 14.90 1.60
CA TYR D 134 -20.76 14.99 3.06
C TYR D 134 -20.20 13.72 3.69
N LEU D 135 -19.27 13.91 4.62
CA LEU D 135 -18.62 12.82 5.32
C LEU D 135 -18.63 13.14 6.80
N GLU D 136 -19.02 12.16 7.60
CA GLU D 136 -19.04 12.27 9.02
C GLU D 136 -18.35 11.02 9.58
N VAL D 137 -17.50 11.22 10.58
CA VAL D 137 -16.74 10.10 11.16
C VAL D 137 -16.69 10.14 12.70
N TYR D 138 -16.36 9.00 13.29
CA TYR D 138 -16.15 8.90 14.73
C TYR D 138 -14.86 8.11 14.86
N HIS D 139 -13.85 8.78 15.39
CA HIS D 139 -12.51 8.26 15.51
C HIS D 139 -12.17 8.10 17.00
N ALA D 140 -11.96 6.86 17.40
CA ALA D 140 -11.77 6.50 18.76
C ALA D 140 -10.39 5.92 19.03
N TRP D 141 -9.95 6.12 20.26
CA TRP D 141 -8.66 5.68 20.72
C TRP D 141 -8.75 5.04 22.07
N LEU D 142 -7.97 4.01 22.28
CA LEU D 142 -7.85 3.36 23.57
C LEU D 142 -6.37 3.08 23.81
N VAL D 143 -5.80 3.75 24.80
CA VAL D 143 -4.38 3.55 25.23
C VAL D 143 -4.41 2.87 26.59
N GLU D 144 -3.68 1.78 26.77
CA GLU D 144 -3.72 1.13 28.05
C GLU D 144 -2.42 0.41 28.39
N LYS D 145 -2.15 0.36 29.69
CA LYS D 145 -1.00 -0.38 30.20
C LYS D 145 -1.34 -1.87 30.25
N LEU D 146 -0.42 -2.69 29.80
CA LEU D 146 -0.61 -4.14 29.85
C LEU D 146 0.46 -4.68 30.71
N ASP D 147 0.30 -5.93 31.11
CA ASP D 147 1.25 -6.67 31.93
C ASP D 147 2.69 -6.58 31.39
N ASN D 148 3.67 -6.53 32.30
CA ASN D 148 5.10 -6.57 31.92
C ASN D 148 5.64 -5.41 31.10
N ASP D 149 5.31 -4.18 31.52
CA ASP D 149 5.84 -2.95 30.94
C ASP D 149 5.53 -2.77 29.43
N ARG D 150 4.32 -3.13 29.03
CA ARG D 150 3.89 -2.96 27.66
C ARG D 150 2.73 -1.96 27.61
N VAL D 151 2.62 -1.20 26.53
CA VAL D 151 1.50 -0.32 26.30
C VAL D 151 0.82 -0.65 24.97
N ARG D 152 -0.50 -0.72 25.01
CA ARG D 152 -1.32 -0.96 23.86
C ARG D 152 -1.95 0.35 23.41
N ILE D 153 -1.90 0.57 22.11
CA ILE D 153 -2.57 1.67 21.49
C ILE D 153 -3.49 1.12 20.41
N LEU D 154 -4.79 1.23 20.65
CA LEU D 154 -5.85 0.80 19.72
C LEU D 154 -6.53 2.03 19.16
N THR D 155 -6.69 2.11 17.83
CA THR D 155 -7.45 3.19 17.23
C THR D 155 -8.35 2.62 16.16
N GLN D 156 -9.59 3.05 16.21
CA GLN D 156 -10.62 2.61 15.30
C GLN D 156 -11.44 3.77 14.85
N GLU D 157 -11.93 3.70 13.60
CA GLU D 157 -12.72 4.79 13.07
C GLU D 157 -13.87 4.24 12.28
N SER D 158 -15.03 4.87 12.45
CA SER D 158 -16.25 4.49 11.77
C SER D 158 -16.66 5.71 10.97
N GLN D 159 -17.07 5.50 9.72
CA GLN D 159 -17.34 6.61 8.82
C GLN D 159 -18.65 6.43 8.07
N SER D 160 -19.39 7.54 7.88
CA SER D 160 -20.66 7.55 7.16
C SER D 160 -20.66 8.61 6.08
N GLY D 161 -21.16 8.23 4.90
CA GLY D 161 -21.25 9.13 3.73
C GLY D 161 -20.71 8.47 2.48
N VAL D 162 -21.07 9.01 1.32
CA VAL D 162 -20.60 8.49 0.01
C VAL D 162 -19.06 8.42 -0.15
N PRO D 163 -18.31 9.45 0.30
CA PRO D 163 -16.83 9.37 0.22
C PRO D 163 -16.25 8.22 1.10
N ALA D 164 -16.96 7.84 2.16
CA ALA D 164 -16.53 6.74 3.00
C ALA D 164 -16.69 5.42 2.23
N LYS D 165 -17.74 5.31 1.43
CA LYS D 165 -17.94 4.14 0.59
C LYS D 165 -16.74 3.93 -0.34
N ALA D 166 -16.23 5.04 -0.89
CA ALA D 166 -15.05 4.99 -1.78
C ALA D 166 -13.79 4.58 -1.04
N LEU D 167 -13.60 5.14 0.16
CA LEU D 167 -12.44 4.84 0.95
C LEU D 167 -12.48 3.36 1.29
N ALA D 168 -13.67 2.85 1.60
CA ALA D 168 -13.80 1.42 1.95
C ALA D 168 -13.30 0.53 0.83
N LYS D 169 -13.37 0.99 -0.42
CA LYS D 169 -12.91 0.17 -1.58
C LYS D 169 -11.46 0.33 -1.97
N SER D 170 -10.74 1.31 -1.40
CA SER D 170 -9.33 1.56 -1.73
C SER D 170 -8.45 0.37 -1.36
N VAL D 171 -7.53 0.03 -2.26
CA VAL D 171 -6.53 -1.03 -2.04
C VAL D 171 -5.20 -0.50 -2.59
N PRO D 172 -4.17 -0.30 -1.73
CA PRO D 172 -4.18 -0.51 -0.28
C PRO D 172 -5.20 0.41 0.40
N ASN D 173 -5.66 0.00 1.57
CA ASN D 173 -6.68 0.72 2.32
C ASN D 173 -6.08 2.01 2.82
N ALA D 174 -6.55 3.14 2.28
CA ALA D 174 -5.89 4.42 2.61
C ALA D 174 -5.95 4.77 4.08
N MSE D 175 -7.12 4.53 4.68
CA MSE D 175 -7.31 4.86 6.10
C MSE D 175 -6.45 3.96 6.95
O MSE D 175 -5.86 4.42 7.95
CB MSE D 175 -8.76 4.69 6.47
CG MSE D 175 -9.68 5.69 5.75
SE MSE D 175 -9.25 7.55 6.26
CE MSE D 175 -9.42 7.29 8.21
N LEU D 176 -6.39 2.67 6.59
CA LEU D 176 -5.61 1.70 7.37
C LEU D 176 -4.13 2.08 7.42
N ASN D 177 -3.60 2.47 6.26
CA ASN D 177 -2.19 2.85 6.19
C ASN D 177 -1.91 4.17 6.88
N GLY D 178 -2.83 5.13 6.76
CA GLY D 178 -2.63 6.43 7.46
C GLY D 178 -2.65 6.25 8.98
N HIS D 179 -3.61 5.49 9.46
CA HIS D 179 -3.67 5.25 10.90
C HIS D 179 -2.48 4.46 11.45
N GLN D 180 -1.98 3.52 10.66
CA GLN D 180 -0.81 2.78 11.09
C GLN D 180 0.40 3.74 11.22
N ALA D 181 0.52 4.67 10.27
CA ALA D 181 1.58 5.68 10.29
C ALA D 181 1.42 6.59 11.52
N TRP D 182 0.18 6.90 11.90
CA TRP D 182 -0.11 7.74 13.09
C TRP D 182 0.40 6.97 14.30
N LEU D 183 0.02 5.70 14.40
CA LEU D 183 0.45 4.86 15.51
C LEU D 183 1.97 4.70 15.54
N ASP D 184 2.57 4.43 14.40
CA ASP D 184 4.04 4.25 14.36
C ASP D 184 4.79 5.52 14.77
N GLY D 185 4.30 6.67 14.31
CA GLY D 185 4.89 7.96 14.68
C GLY D 185 4.74 8.22 16.19
N LEU D 186 3.55 7.96 16.70
CA LEU D 186 3.25 8.15 18.12
C LEU D 186 4.21 7.32 18.96
N VAL D 187 4.39 6.05 18.58
CA VAL D 187 5.32 5.19 19.30
C VAL D 187 6.77 5.71 19.23
N ALA D 188 7.25 5.95 18.03
CA ALA D 188 8.63 6.42 17.79
C ALA D 188 8.94 7.71 18.56
N TYR D 189 7.98 8.61 18.57
CA TYR D 189 8.12 9.90 19.25
C TYR D 189 8.12 9.80 20.78
N SER D 190 7.37 8.82 21.29
CA SER D 190 7.23 8.61 22.72
C SER D 190 8.30 7.71 23.32
N ARG D 191 9.05 7.00 22.48
CA ARG D 191 10.11 6.11 22.96
C ARG D 191 11.15 6.93 23.68
#